data_7ERO
#
_entry.id   7ERO
#
_cell.length_a   66.173
_cell.length_b   97.517
_cell.length_c   159.922
_cell.angle_alpha   90.000
_cell.angle_beta   90.000
_cell.angle_gamma   90.000
#
_symmetry.space_group_name_H-M   'P 21 21 21'
#
loop_
_entity.id
_entity.type
_entity.pdbx_description
1 polymer 'D-tagatose 3-epimerase'
2 non-polymer D-psicose
3 non-polymer 'MAGNESIUM ION'
4 water water
#
_entity_poly.entity_id   1
_entity_poly.type   'polypeptide(L)'
_entity_poly.pdbx_seq_one_letter_code
;MQGFGVHAMMWSLNWDHESARRAIAGAADYGQDFIEIPLVDLPSVDTAHTRALLEKYGLRAACSLVLPEPAWASVRPEAA
VAHLNAALDKAAEMGAEALTGVTYGGTSERTGFPPTQAEYDNLTRALSQSAGHAKTLGLQFGIEAVNRYENHLVNSAEQA
VALVERIGADNIFVHLDTFHMNMEEKGIANGIIAAHDYLKYMHMSESDRGTPGFGNVAWDAVFAALAAIGFKGVLTLESF
AAMPEEMAGAISTWRPVASGADEVLDKGLAFLRDKASQYRIFGN
;
_entity_poly.pdbx_strand_id   A,B,C,D
#
loop_
_chem_comp.id
_chem_comp.type
_chem_comp.name
_chem_comp.formula
MG non-polymer 'MAGNESIUM ION' 'Mg 2'
PSJ D-saccharide D-psicose 'C6 H12 O6'
#
# COMPACT_ATOMS: atom_id res chain seq x y z
N MET A 1 -18.10 -14.60 20.78
CA MET A 1 -18.38 -14.35 19.38
C MET A 1 -17.07 -14.26 18.67
N GLN A 2 -16.69 -15.30 17.93
CA GLN A 2 -15.41 -15.31 17.24
C GLN A 2 -15.53 -16.07 15.93
N GLY A 3 -14.79 -15.64 14.91
CA GLY A 3 -14.62 -16.46 13.73
C GLY A 3 -14.95 -15.70 12.46
N PHE A 4 -15.25 -16.46 11.42
CA PHE A 4 -15.54 -15.91 10.10
C PHE A 4 -17.05 -15.88 9.87
N GLY A 5 -17.54 -14.75 9.34
CA GLY A 5 -18.96 -14.58 9.10
C GLY A 5 -19.18 -14.08 7.68
N VAL A 6 -20.44 -14.21 7.24
CA VAL A 6 -20.85 -13.68 5.95
C VAL A 6 -22.22 -13.05 6.12
N HIS A 7 -22.40 -11.88 5.53
CA HIS A 7 -23.67 -11.20 5.63
C HIS A 7 -24.68 -11.84 4.69
N ALA A 8 -25.93 -12.01 5.17
CA ALA A 8 -26.92 -12.73 4.39
C ALA A 8 -27.30 -12.01 3.09
N MET A 9 -26.99 -10.72 2.96
CA MET A 9 -27.20 -9.99 1.71
C MET A 9 -26.46 -10.62 0.53
N MET A 10 -25.46 -11.48 0.77
CA MET A 10 -24.85 -12.20 -0.34
C MET A 10 -25.85 -13.11 -1.06
N TRP A 11 -27.02 -13.38 -0.47
CA TRP A 11 -28.07 -14.18 -1.09
C TRP A 11 -29.38 -13.42 -1.22
N SER A 12 -29.84 -12.73 -0.17
CA SER A 12 -30.88 -11.71 -0.33
C SER A 12 -31.00 -10.92 0.96
N LEU A 13 -31.56 -9.71 0.84
CA LEU A 13 -31.91 -8.97 2.05
C LEU A 13 -33.25 -9.41 2.60
N ASN A 14 -34.09 -10.02 1.75
CA ASN A 14 -35.34 -10.64 2.17
C ASN A 14 -35.09 -11.72 3.23
N TRP A 15 -36.04 -11.91 4.15
CA TRP A 15 -35.88 -12.98 5.14
C TRP A 15 -37.19 -13.73 5.35
N ASP A 16 -37.84 -14.13 4.24
CA ASP A 16 -38.91 -15.10 4.35
C ASP A 16 -38.31 -16.49 4.48
N HIS A 17 -39.19 -17.49 4.59
CA HIS A 17 -38.76 -18.87 4.77
C HIS A 17 -37.72 -19.28 3.74
N GLU A 18 -37.98 -18.96 2.47
CA GLU A 18 -37.11 -19.48 1.42
C GLU A 18 -35.76 -18.78 1.39
N SER A 19 -35.74 -17.46 1.63
CA SER A 19 -34.47 -16.74 1.67
C SER A 19 -33.65 -17.11 2.88
N ALA A 20 -34.31 -17.30 4.03
CA ALA A 20 -33.61 -17.78 5.22
C ALA A 20 -32.91 -19.10 4.94
N ARG A 21 -33.65 -20.05 4.37
CA ARG A 21 -33.06 -21.33 3.99
C ARG A 21 -31.87 -21.13 3.06
N ARG A 22 -32.05 -20.33 1.99
CA ARG A 22 -30.97 -20.18 1.02
C ARG A 22 -29.73 -19.53 1.64
N ALA A 23 -29.92 -18.49 2.47
CA ALA A 23 -28.79 -17.79 3.05
C ALA A 23 -28.03 -18.66 4.04
N ILE A 24 -28.76 -19.31 4.94
CA ILE A 24 -28.12 -20.13 5.96
C ILE A 24 -27.40 -21.30 5.29
N ALA A 25 -28.09 -21.97 4.36
CA ALA A 25 -27.44 -23.06 3.62
C ALA A 25 -26.20 -22.57 2.89
N GLY A 26 -26.29 -21.41 2.25
CA GLY A 26 -25.12 -20.87 1.56
C GLY A 26 -23.95 -20.64 2.50
N ALA A 27 -24.21 -19.93 3.61
CA ALA A 27 -23.18 -19.72 4.62
C ALA A 27 -22.58 -21.05 5.06
N ALA A 28 -23.40 -22.10 5.17
CA ALA A 28 -22.88 -23.39 5.56
C ALA A 28 -22.00 -24.00 4.47
N ASP A 29 -22.39 -23.83 3.20
CA ASP A 29 -21.58 -24.33 2.10
C ASP A 29 -20.18 -23.71 2.08
N TYR A 30 -20.03 -22.47 2.55
CA TYR A 30 -18.74 -21.79 2.56
C TYR A 30 -18.05 -21.88 3.91
N GLY A 31 -18.51 -22.79 4.77
CA GLY A 31 -17.83 -23.11 6.03
C GLY A 31 -17.72 -21.96 7.01
N GLN A 32 -18.65 -21.00 6.97
CA GLN A 32 -18.58 -19.87 7.87
C GLN A 32 -19.01 -20.26 9.27
N ASP A 33 -18.47 -19.56 10.26
CA ASP A 33 -18.96 -19.77 11.62
C ASP A 33 -20.23 -18.96 11.89
N PHE A 34 -20.38 -17.81 11.25
CA PHE A 34 -21.49 -16.91 11.52
C PHE A 34 -22.16 -16.53 10.22
N ILE A 35 -23.47 -16.34 10.27
CA ILE A 35 -24.22 -15.59 9.27
C ILE A 35 -24.75 -14.33 9.95
N GLU A 36 -24.67 -13.21 9.26
CA GLU A 36 -25.26 -11.97 9.77
C GLU A 36 -26.62 -11.80 9.11
N ILE A 37 -27.67 -11.81 9.91
CA ILE A 37 -29.05 -11.78 9.44
C ILE A 37 -29.58 -10.36 9.58
N PRO A 38 -30.00 -9.70 8.50
CA PRO A 38 -30.56 -8.36 8.64
C PRO A 38 -32.03 -8.42 9.06
N LEU A 39 -32.41 -7.52 9.95
CA LEU A 39 -33.79 -7.40 10.43
C LEU A 39 -34.39 -6.15 9.78
N VAL A 40 -35.16 -6.34 8.71
CA VAL A 40 -35.81 -5.21 8.06
C VAL A 40 -37.24 -5.08 8.54
N ASP A 41 -38.06 -6.10 8.30
CA ASP A 41 -39.46 -6.08 8.72
C ASP A 41 -39.68 -7.14 9.79
N LEU A 42 -39.69 -6.71 11.04
CA LEU A 42 -39.80 -7.65 12.15
C LEU A 42 -41.02 -8.54 12.10
N PRO A 43 -42.23 -8.07 11.76
CA PRO A 43 -43.38 -8.99 11.71
C PRO A 43 -43.25 -10.06 10.65
N SER A 44 -42.55 -9.80 9.57
CA SER A 44 -42.43 -10.77 8.48
C SER A 44 -41.41 -11.87 8.74
N VAL A 45 -40.80 -11.90 9.93
CA VAL A 45 -39.71 -12.82 10.22
C VAL A 45 -40.25 -13.96 11.08
N ASP A 46 -39.92 -15.20 10.69
CA ASP A 46 -40.29 -16.39 11.46
C ASP A 46 -39.03 -16.82 12.23
N THR A 47 -38.94 -16.38 13.49
CA THR A 47 -37.71 -16.58 14.26
C THR A 47 -37.50 -18.06 14.61
N ALA A 48 -38.58 -18.79 14.90
CA ALA A 48 -38.43 -20.18 15.29
C ALA A 48 -37.95 -21.03 14.12
N HIS A 49 -38.44 -20.72 12.92
CA HIS A 49 -37.93 -21.38 11.72
C HIS A 49 -36.44 -21.07 11.51
N THR A 50 -36.06 -19.80 11.61
CA THR A 50 -34.65 -19.42 11.49
C THR A 50 -33.80 -20.12 12.55
N ARG A 51 -34.27 -20.14 13.81
CA ARG A 51 -33.52 -20.84 14.86
C ARG A 51 -33.29 -22.28 14.49
N ALA A 52 -34.33 -22.97 14.01
CA ALA A 52 -34.22 -24.37 13.64
C ALA A 52 -33.23 -24.57 12.48
N LEU A 53 -33.18 -23.63 11.54
CA LEU A 53 -32.27 -23.79 10.42
C LEU A 53 -30.82 -23.54 10.85
N LEU A 54 -30.60 -22.56 11.72
CA LEU A 54 -29.27 -22.34 12.26
C LEU A 54 -28.74 -23.60 12.93
N GLU A 55 -29.59 -24.28 13.70
CA GLU A 55 -29.15 -25.49 14.40
C GLU A 55 -28.93 -26.64 13.42
N LYS A 56 -29.85 -26.81 12.46
CA LYS A 56 -29.68 -27.86 11.45
C LYS A 56 -28.35 -27.70 10.71
N TYR A 57 -28.00 -26.48 10.34
CA TYR A 57 -26.77 -26.28 9.59
C TYR A 57 -25.56 -26.02 10.47
N GLY A 58 -25.73 -25.98 11.79
CA GLY A 58 -24.62 -25.78 12.70
C GLY A 58 -24.00 -24.40 12.58
N LEU A 59 -24.82 -23.37 12.41
CA LEU A 59 -24.36 -22.02 12.15
C LEU A 59 -24.72 -21.12 13.33
N ARG A 60 -23.81 -20.22 13.70
CA ARG A 60 -24.11 -19.16 14.66
C ARG A 60 -24.55 -17.91 13.92
N ALA A 61 -25.18 -16.98 14.62
CA ALA A 61 -25.74 -15.84 13.93
C ALA A 61 -25.55 -14.58 14.76
N ALA A 62 -25.38 -13.46 14.04
CA ALA A 62 -25.58 -12.12 14.57
C ALA A 62 -26.68 -11.47 13.75
N CYS A 63 -27.57 -10.71 14.39
CA CYS A 63 -28.50 -9.86 13.66
C CYS A 63 -27.94 -8.47 13.51
N SER A 64 -28.43 -7.77 12.49
CA SER A 64 -28.03 -6.40 12.24
C SER A 64 -29.21 -5.63 11.68
N LEU A 65 -29.17 -4.32 11.81
CA LEU A 65 -30.24 -3.48 11.29
C LEU A 65 -29.73 -2.05 11.09
N VAL A 66 -30.55 -1.28 10.38
CA VAL A 66 -30.48 0.17 10.31
C VAL A 66 -31.82 0.68 10.84
N LEU A 67 -31.78 1.67 11.72
CA LEU A 67 -33.02 2.16 12.30
C LEU A 67 -33.83 2.86 11.20
N PRO A 68 -35.11 2.52 11.02
CA PRO A 68 -35.95 3.31 10.12
C PRO A 68 -36.15 4.70 10.69
N GLU A 69 -36.46 5.64 9.80
CA GLU A 69 -36.44 7.06 10.17
C GLU A 69 -37.42 7.41 11.29
N PRO A 70 -38.62 6.84 11.40
CA PRO A 70 -39.43 7.08 12.60
C PRO A 70 -38.72 6.72 13.89
N ALA A 71 -37.69 5.87 13.87
CA ALA A 71 -37.03 5.46 15.10
C ALA A 71 -35.60 5.95 15.24
N TRP A 72 -35.18 7.01 14.54
CA TRP A 72 -33.81 7.49 14.68
C TRP A 72 -33.58 8.01 16.11
N ALA A 73 -32.54 7.48 16.78
CA ALA A 73 -32.40 7.71 18.22
C ALA A 73 -31.99 9.14 18.53
N SER A 74 -31.33 9.83 17.60
CA SER A 74 -30.84 11.17 17.89
C SER A 74 -31.98 12.16 18.11
N VAL A 75 -33.13 11.93 17.47
CA VAL A 75 -34.23 12.88 17.53
C VAL A 75 -35.45 12.21 18.17
N ARG A 76 -35.57 10.90 18.02
CA ARG A 76 -36.73 10.15 18.54
C ARG A 76 -36.26 8.99 19.40
N PRO A 77 -35.58 9.28 20.52
CA PRO A 77 -34.94 8.19 21.28
C PRO A 77 -35.92 7.14 21.81
N GLU A 78 -37.12 7.56 22.23
CA GLU A 78 -38.05 6.58 22.79
C GLU A 78 -38.53 5.62 21.71
N ALA A 79 -38.76 6.14 20.49
CA ALA A 79 -39.06 5.26 19.37
C ALA A 79 -37.88 4.36 19.02
N ALA A 80 -36.64 4.84 19.20
CA ALA A 80 -35.49 4.00 18.95
C ALA A 80 -35.47 2.80 19.90
N VAL A 81 -35.73 3.06 21.19
CA VAL A 81 -35.70 1.96 22.15
C VAL A 81 -36.78 0.94 21.84
N ALA A 82 -37.97 1.40 21.45
CA ALA A 82 -39.04 0.45 21.14
C ALA A 82 -38.65 -0.42 19.95
N HIS A 83 -38.10 0.19 18.90
CA HIS A 83 -37.72 -0.63 17.74
C HIS A 83 -36.57 -1.56 18.06
N LEU A 84 -35.54 -1.05 18.74
CA LEU A 84 -34.40 -1.90 19.05
C LEU A 84 -34.81 -3.07 19.94
N ASN A 85 -35.68 -2.82 20.94
CA ASN A 85 -36.03 -3.88 21.87
C ASN A 85 -36.83 -4.97 21.17
N ALA A 86 -37.68 -4.57 20.23
CA ALA A 86 -38.39 -5.55 19.42
C ALA A 86 -37.43 -6.29 18.51
N ALA A 87 -36.46 -5.58 17.94
CA ALA A 87 -35.43 -6.25 17.15
C ALA A 87 -34.63 -7.23 18.00
N LEU A 88 -34.31 -6.85 19.24
CA LEU A 88 -33.55 -7.75 20.11
C LEU A 88 -34.36 -8.98 20.51
N ASP A 89 -35.68 -8.83 20.67
CA ASP A 89 -36.52 -10.00 20.96
C ASP A 89 -36.43 -11.00 19.82
N LYS A 90 -36.53 -10.49 18.58
CA LYS A 90 -36.47 -11.37 17.43
C LYS A 90 -35.09 -12.02 17.31
N ALA A 91 -34.02 -11.23 17.53
CA ALA A 91 -32.67 -11.78 17.55
C ALA A 91 -32.54 -12.87 18.61
N ALA A 92 -33.02 -12.60 19.83
CA ALA A 92 -32.87 -13.60 20.87
C ALA A 92 -33.65 -14.85 20.52
N GLU A 93 -34.84 -14.67 19.92
CA GLU A 93 -35.67 -15.81 19.55
C GLU A 93 -35.01 -16.65 18.47
N MET A 94 -34.29 -16.00 17.57
CA MET A 94 -33.51 -16.71 16.57
C MET A 94 -32.34 -17.47 17.19
N GLY A 95 -31.91 -17.10 18.40
CA GLY A 95 -30.64 -17.59 18.88
C GLY A 95 -29.42 -16.83 18.37
N ALA A 96 -29.61 -15.65 17.77
CA ALA A 96 -28.49 -14.76 17.52
C ALA A 96 -27.81 -14.38 18.83
N GLU A 97 -26.53 -14.02 18.73
CA GLU A 97 -25.75 -13.65 19.89
C GLU A 97 -25.56 -12.14 20.03
N ALA A 98 -26.01 -11.36 19.06
CA ALA A 98 -25.81 -9.92 19.09
C ALA A 98 -26.77 -9.26 18.12
N LEU A 99 -27.07 -8.00 18.39
CA LEU A 99 -27.65 -7.09 17.42
C LEU A 99 -26.61 -6.02 17.17
N THR A 100 -26.28 -5.78 15.90
CA THR A 100 -25.27 -4.79 15.58
C THR A 100 -25.75 -3.99 14.37
N GLY A 101 -24.83 -3.27 13.74
CA GLY A 101 -25.18 -2.41 12.62
C GLY A 101 -25.36 -0.96 13.03
N VAL A 102 -26.15 -0.25 12.21
CA VAL A 102 -26.49 1.13 12.49
C VAL A 102 -27.67 1.13 13.47
N THR A 103 -27.38 0.80 14.73
CA THR A 103 -28.35 0.66 15.80
C THR A 103 -28.71 1.99 16.45
N TYR A 104 -28.18 3.11 15.95
CA TYR A 104 -28.34 4.41 16.60
C TYR A 104 -28.96 5.41 15.66
N GLY A 105 -29.22 5.04 14.41
CA GLY A 105 -29.65 6.01 13.43
C GLY A 105 -29.84 5.37 12.08
N GLY A 106 -29.83 6.20 11.04
CA GLY A 106 -30.05 5.77 9.68
C GLY A 106 -28.77 5.74 8.85
N THR A 107 -28.92 5.25 7.63
CA THR A 107 -27.87 5.31 6.61
C THR A 107 -28.21 6.32 5.54
N SER A 108 -29.30 7.07 5.73
CA SER A 108 -29.61 8.27 4.97
C SER A 108 -29.89 9.41 5.92
N GLU A 109 -29.27 9.38 7.11
CA GLU A 109 -29.59 10.33 8.17
C GLU A 109 -28.63 11.52 8.14
N ARG A 110 -29.21 12.71 8.24
CA ARG A 110 -28.48 13.94 8.01
C ARG A 110 -29.33 15.07 8.60
N THR A 111 -28.69 15.96 9.35
CA THR A 111 -29.35 17.16 9.82
C THR A 111 -28.96 18.39 9.02
N GLY A 112 -27.85 18.32 8.27
CA GLY A 112 -27.29 19.49 7.63
C GLY A 112 -26.24 20.22 8.46
N PHE A 113 -26.02 19.80 9.70
CA PHE A 113 -25.16 20.44 10.67
C PHE A 113 -24.36 19.36 11.39
N PRO A 114 -23.28 19.74 12.07
CA PRO A 114 -22.55 18.77 12.89
C PRO A 114 -23.41 18.23 14.01
N PRO A 115 -23.10 17.03 14.50
CA PRO A 115 -23.91 16.44 15.57
C PRO A 115 -23.82 17.26 16.85
N THR A 116 -24.96 17.47 17.50
CA THR A 116 -25.03 18.29 18.70
C THR A 116 -24.90 17.45 19.96
N GLN A 117 -24.68 18.13 21.09
CA GLN A 117 -24.63 17.40 22.36
C GLN A 117 -25.99 16.81 22.70
N ALA A 118 -27.07 17.52 22.36
CA ALA A 118 -28.40 16.98 22.59
C ALA A 118 -28.60 15.68 21.84
N GLU A 119 -28.19 15.64 20.57
CA GLU A 119 -28.31 14.40 19.80
C GLU A 119 -27.55 13.26 20.47
N TYR A 120 -26.34 13.52 20.95
CA TYR A 120 -25.57 12.47 21.60
C TYR A 120 -26.20 12.04 22.93
N ASP A 121 -26.81 12.99 23.66
CA ASP A 121 -27.53 12.63 24.86
C ASP A 121 -28.65 11.66 24.53
N ASN A 122 -29.42 11.96 23.48
CA ASN A 122 -30.48 11.06 23.03
C ASN A 122 -29.93 9.69 22.67
N LEU A 123 -28.86 9.67 21.85
CA LEU A 123 -28.21 8.40 21.51
C LEU A 123 -27.76 7.67 22.76
N THR A 124 -27.13 8.39 23.69
CA THR A 124 -26.62 7.76 24.90
C THR A 124 -27.74 7.13 25.71
N ARG A 125 -28.82 7.88 25.94
CA ARG A 125 -29.92 7.36 26.75
C ARG A 125 -30.58 6.18 26.06
N ALA A 126 -30.83 6.30 24.76
CA ALA A 126 -31.53 5.25 24.03
C ALA A 126 -30.72 3.96 24.01
N LEU A 127 -29.42 4.04 23.68
CA LEU A 127 -28.63 2.82 23.58
C LEU A 127 -28.39 2.17 24.95
N SER A 128 -28.24 2.96 26.02
CA SER A 128 -28.18 2.37 27.36
C SER A 128 -29.41 1.52 27.62
N GLN A 129 -30.61 2.03 27.25
CA GLN A 129 -31.82 1.25 27.47
C GLN A 129 -31.78 -0.07 26.70
N SER A 130 -31.49 -0.02 25.40
CA SER A 130 -31.60 -1.23 24.59
C SER A 130 -30.44 -2.20 24.86
N ALA A 131 -29.24 -1.71 25.15
CA ALA A 131 -28.19 -2.61 25.59
C ALA A 131 -28.57 -3.29 26.90
N GLY A 132 -29.15 -2.53 27.82
CA GLY A 132 -29.74 -3.14 29.00
C GLY A 132 -30.73 -4.22 28.65
N HIS A 133 -31.69 -3.90 27.77
CA HIS A 133 -32.62 -4.94 27.30
C HIS A 133 -31.88 -6.09 26.66
N ALA A 134 -30.86 -5.80 25.83
CA ALA A 134 -30.03 -6.85 25.25
C ALA A 134 -29.37 -7.70 26.32
N LYS A 135 -28.85 -7.07 27.37
CA LYS A 135 -28.22 -7.80 28.46
C LYS A 135 -29.18 -8.80 29.11
N THR A 136 -30.44 -8.39 29.34
CA THR A 136 -31.40 -9.32 29.91
C THR A 136 -31.65 -10.52 29.01
N LEU A 137 -31.37 -10.39 27.71
CA LEU A 137 -31.58 -11.48 26.76
C LEU A 137 -30.34 -12.34 26.55
N GLY A 138 -29.20 -11.96 27.14
CA GLY A 138 -27.96 -12.67 26.86
C GLY A 138 -27.30 -12.27 25.56
N LEU A 139 -27.59 -11.08 25.06
CA LEU A 139 -27.13 -10.62 23.76
C LEU A 139 -26.19 -9.46 23.94
N GLN A 140 -25.17 -9.40 23.09
CA GLN A 140 -24.32 -8.24 22.99
C GLN A 140 -24.93 -7.24 22.01
N PHE A 141 -24.48 -6.00 22.10
CA PHE A 141 -25.08 -4.90 21.37
C PHE A 141 -23.97 -4.10 20.70
N GLY A 142 -24.05 -3.96 19.38
CA GLY A 142 -22.97 -3.37 18.61
C GLY A 142 -23.34 -2.01 18.04
N ILE A 143 -22.33 -1.16 17.90
CA ILE A 143 -22.46 0.15 17.27
C ILE A 143 -21.53 0.13 16.07
N GLU A 144 -22.08 0.22 14.85
CA GLU A 144 -21.25 0.24 13.64
C GLU A 144 -21.02 1.68 13.19
N ALA A 145 -19.75 2.08 13.07
CA ALA A 145 -19.42 3.39 12.49
C ALA A 145 -19.56 3.33 10.98
N VAL A 146 -20.20 4.35 10.40
CA VAL A 146 -20.47 4.42 8.97
C VAL A 146 -19.94 5.78 8.48
N ASN A 147 -19.81 5.94 7.15
CA ASN A 147 -19.15 7.14 6.64
C ASN A 147 -20.06 8.36 6.72
N ARG A 148 -19.45 9.54 6.47
CA ARG A 148 -20.09 10.84 6.66
C ARG A 148 -21.31 11.05 5.78
N TYR A 149 -21.45 10.31 4.68
CA TYR A 149 -22.59 10.50 3.79
C TYR A 149 -23.83 9.75 4.24
N GLU A 150 -23.68 8.76 5.13
CA GLU A 150 -24.80 7.95 5.57
C GLU A 150 -25.35 8.43 6.90
N ASN A 151 -24.50 9.05 7.72
CA ASN A 151 -24.87 9.41 9.07
C ASN A 151 -23.87 10.46 9.56
N HIS A 152 -24.36 11.39 10.37
CA HIS A 152 -23.54 12.48 10.87
C HIS A 152 -23.10 12.28 12.31
N LEU A 153 -23.41 11.13 12.93
CA LEU A 153 -23.24 10.95 14.36
C LEU A 153 -22.04 10.09 14.74
N VAL A 154 -21.88 8.93 14.11
CA VAL A 154 -20.86 7.95 14.50
C VAL A 154 -20.12 7.57 13.22
N ASN A 155 -19.02 8.26 12.93
CA ASN A 155 -18.26 8.07 11.70
C ASN A 155 -16.89 7.45 11.92
N SER A 156 -16.13 7.89 12.91
CA SER A 156 -14.83 7.31 13.19
C SER A 156 -14.92 6.36 14.38
N ALA A 157 -13.91 5.51 14.50
CA ALA A 157 -13.81 4.60 15.62
C ALA A 157 -13.76 5.37 16.94
N GLU A 158 -13.07 6.51 16.95
CA GLU A 158 -12.99 7.31 18.16
C GLU A 158 -14.36 7.80 18.61
N GLN A 159 -15.20 8.24 17.66
CA GLN A 159 -16.58 8.60 18.02
C GLN A 159 -17.33 7.39 18.57
N ALA A 160 -17.12 6.21 17.97
CA ALA A 160 -17.79 5.01 18.46
C ALA A 160 -17.32 4.65 19.88
N VAL A 161 -16.00 4.65 20.10
CA VAL A 161 -15.48 4.37 21.44
C VAL A 161 -16.05 5.36 22.45
N ALA A 162 -16.04 6.65 22.10
CA ALA A 162 -16.49 7.68 23.02
C ALA A 162 -17.95 7.49 23.40
N LEU A 163 -18.79 7.16 22.42
CA LEU A 163 -20.19 6.85 22.69
C LEU A 163 -20.31 5.60 23.56
N VAL A 164 -19.59 4.53 23.20
CA VAL A 164 -19.59 3.32 24.01
C VAL A 164 -19.20 3.67 25.45
N GLU A 165 -18.17 4.49 25.64
CA GLU A 165 -17.74 4.82 26.99
C GLU A 165 -18.75 5.72 27.71
N ARG A 166 -19.45 6.59 26.97
CA ARG A 166 -20.54 7.36 27.58
C ARG A 166 -21.65 6.45 28.09
N ILE A 167 -21.97 5.40 27.33
CA ILE A 167 -23.04 4.50 27.72
C ILE A 167 -22.65 3.70 28.96
N GLY A 168 -21.40 3.25 29.04
CA GLY A 168 -20.92 2.59 30.23
C GLY A 168 -21.45 1.21 30.45
N ALA A 169 -21.95 0.56 29.42
CA ALA A 169 -22.52 -0.77 29.52
C ALA A 169 -21.49 -1.84 29.20
N ASP A 170 -21.54 -2.95 29.93
CA ASP A 170 -20.55 -3.99 29.79
C ASP A 170 -20.75 -4.91 28.58
N ASN A 171 -21.89 -4.83 27.86
CA ASN A 171 -22.17 -5.74 26.76
C ASN A 171 -22.24 -5.02 25.41
N ILE A 172 -21.73 -3.79 25.31
CA ILE A 172 -21.69 -3.06 24.05
C ILE A 172 -20.31 -3.24 23.40
N PHE A 173 -20.28 -3.35 22.08
CA PHE A 173 -19.00 -3.45 21.39
C PHE A 173 -18.99 -2.51 20.19
N VAL A 174 -17.77 -2.16 19.76
CA VAL A 174 -17.59 -1.36 18.56
C VAL A 174 -17.55 -2.32 17.38
N HIS A 175 -18.19 -1.91 16.29
CA HIS A 175 -18.28 -2.67 15.05
C HIS A 175 -17.74 -1.73 13.97
N LEU A 176 -16.62 -2.11 13.33
CA LEU A 176 -16.05 -1.27 12.28
C LEU A 176 -16.25 -1.91 10.90
N ASP A 177 -16.27 -1.07 9.88
CA ASP A 177 -16.52 -1.47 8.50
C ASP A 177 -15.40 -0.89 7.64
N THR A 178 -14.64 -1.78 6.97
CA THR A 178 -13.49 -1.29 6.20
C THR A 178 -13.91 -0.38 5.06
N PHE A 179 -15.11 -0.58 4.48
CA PHE A 179 -15.60 0.32 3.45
C PHE A 179 -15.75 1.74 3.99
N HIS A 180 -16.32 1.87 5.19
CA HIS A 180 -16.49 3.17 5.80
C HIS A 180 -15.17 3.74 6.33
N MET A 181 -14.35 2.88 6.95
CA MET A 181 -13.06 3.34 7.46
C MET A 181 -12.14 3.82 6.36
N ASN A 182 -12.21 3.19 5.19
CA ASN A 182 -11.39 3.65 4.07
C ASN A 182 -11.57 5.14 3.78
N MET A 183 -12.71 5.71 4.15
CA MET A 183 -12.96 7.14 4.09
C MET A 183 -12.73 7.84 5.43
N GLU A 184 -13.25 7.25 6.51
CA GLU A 184 -13.33 7.98 7.76
C GLU A 184 -12.03 7.96 8.58
N GLU A 185 -11.17 6.94 8.46
CA GLU A 185 -10.03 6.82 9.38
C GLU A 185 -8.76 7.40 8.76
N LYS A 186 -8.00 8.15 9.55
CA LYS A 186 -6.78 8.80 9.08
C LYS A 186 -5.65 7.76 9.08
N GLY A 187 -5.68 6.91 8.06
CA GLY A 187 -4.96 5.66 8.10
C GLY A 187 -5.86 4.61 8.70
N ILE A 188 -6.31 3.65 7.88
CA ILE A 188 -7.39 2.76 8.29
C ILE A 188 -7.07 2.08 9.61
N ALA A 189 -5.80 1.70 9.81
CA ALA A 189 -5.45 0.94 11.01
C ALA A 189 -5.62 1.77 12.28
N ASN A 190 -5.55 3.09 12.17
CA ASN A 190 -5.81 3.94 13.33
C ASN A 190 -7.21 3.71 13.88
N GLY A 191 -8.16 3.31 13.03
CA GLY A 191 -9.50 3.00 13.52
C GLY A 191 -9.52 1.77 14.41
N ILE A 192 -8.89 0.69 13.94
CA ILE A 192 -8.77 -0.54 14.74
C ILE A 192 -8.02 -0.26 16.03
N ILE A 193 -6.97 0.55 15.98
CA ILE A 193 -6.19 0.82 17.19
C ILE A 193 -7.02 1.61 18.19
N ALA A 194 -7.69 2.68 17.72
CA ALA A 194 -8.54 3.48 18.59
C ALA A 194 -9.56 2.62 19.33
N ALA A 195 -10.06 1.58 18.67
CA ALA A 195 -11.16 0.78 19.16
C ALA A 195 -10.72 -0.46 19.93
N HIS A 196 -9.44 -0.57 20.30
CA HIS A 196 -8.90 -1.87 20.67
C HIS A 196 -9.60 -2.50 21.89
N ASP A 197 -10.08 -1.70 22.85
CA ASP A 197 -10.76 -2.30 24.01
C ASP A 197 -12.12 -2.89 23.64
N TYR A 198 -12.79 -2.32 22.66
CA TYR A 198 -14.18 -2.66 22.38
C TYR A 198 -14.41 -3.33 21.04
N LEU A 199 -13.39 -3.40 20.18
CA LEU A 199 -13.60 -3.92 18.83
C LEU A 199 -13.87 -5.42 18.92
N LYS A 200 -15.11 -5.84 18.59
CA LYS A 200 -15.47 -7.26 18.56
C LYS A 200 -16.09 -7.73 17.25
N TYR A 201 -16.25 -6.85 16.26
CA TYR A 201 -16.95 -7.20 15.02
C TYR A 201 -16.47 -6.31 13.89
N MET A 202 -16.20 -6.91 12.74
CA MET A 202 -15.70 -6.22 11.56
C MET A 202 -16.58 -6.55 10.37
N HIS A 203 -16.93 -5.54 9.59
CA HIS A 203 -17.34 -5.78 8.22
C HIS A 203 -16.11 -5.62 7.35
N MET A 204 -15.69 -6.74 6.75
CA MET A 204 -14.57 -6.76 5.82
C MET A 204 -15.15 -6.54 4.44
N SER A 205 -15.12 -5.30 3.98
CA SER A 205 -15.81 -4.89 2.77
C SER A 205 -14.83 -4.09 1.92
N GLU A 206 -14.74 -4.42 0.63
CA GLU A 206 -13.84 -3.69 -0.23
C GLU A 206 -14.34 -2.25 -0.39
N SER A 207 -13.45 -1.38 -0.86
CA SER A 207 -13.70 0.06 -0.94
C SER A 207 -14.83 0.42 -1.89
N ASP A 208 -15.17 -0.47 -2.82
CA ASP A 208 -16.26 -0.27 -3.77
C ASP A 208 -17.43 -1.22 -3.51
N ARG A 209 -17.46 -1.83 -2.33
CA ARG A 209 -18.42 -2.87 -1.95
C ARG A 209 -18.31 -4.12 -2.82
N GLY A 210 -17.24 -4.25 -3.61
CA GLY A 210 -17.06 -5.43 -4.43
C GLY A 210 -16.40 -6.60 -3.71
N THR A 211 -15.20 -6.97 -4.14
CA THR A 211 -14.55 -8.17 -3.62
C THR A 211 -13.35 -7.80 -2.78
N PRO A 212 -13.31 -8.18 -1.51
CA PRO A 212 -12.13 -7.88 -0.68
C PRO A 212 -10.88 -8.45 -1.32
N GLY A 213 -9.87 -7.60 -1.46
CA GLY A 213 -8.63 -7.95 -2.12
C GLY A 213 -8.44 -7.27 -3.45
N PHE A 214 -9.48 -6.60 -3.96
CA PHE A 214 -9.52 -6.06 -5.33
C PHE A 214 -10.17 -4.67 -5.29
N GLY A 215 -9.53 -3.77 -4.55
CA GLY A 215 -9.95 -2.39 -4.53
C GLY A 215 -8.88 -1.57 -3.83
N ASN A 216 -9.31 -0.68 -2.94
CA ASN A 216 -8.39 0.31 -2.39
C ASN A 216 -8.14 0.15 -0.90
N VAL A 217 -8.82 -0.79 -0.22
CA VAL A 217 -8.57 -1.00 1.20
C VAL A 217 -7.18 -1.60 1.39
N ALA A 218 -6.44 -1.07 2.36
CA ALA A 218 -5.07 -1.52 2.64
C ALA A 218 -5.14 -2.67 3.64
N TRP A 219 -5.41 -3.86 3.11
CA TRP A 219 -5.72 -5.02 3.95
C TRP A 219 -4.58 -5.39 4.87
N ASP A 220 -3.33 -5.24 4.40
CA ASP A 220 -2.21 -5.55 5.31
C ASP A 220 -2.23 -4.64 6.53
N ALA A 221 -2.56 -3.36 6.34
CA ALA A 221 -2.69 -2.48 7.50
C ALA A 221 -3.85 -2.91 8.40
N VAL A 222 -4.97 -3.32 7.80
CA VAL A 222 -6.13 -3.80 8.54
C VAL A 222 -5.74 -5.02 9.37
N PHE A 223 -5.15 -6.02 8.71
CA PHE A 223 -4.91 -7.31 9.36
C PHE A 223 -3.79 -7.22 10.39
N ALA A 224 -2.77 -6.41 10.10
CA ALA A 224 -1.72 -6.13 11.10
C ALA A 224 -2.31 -5.51 12.35
N ALA A 225 -3.15 -4.49 12.17
CA ALA A 225 -3.78 -3.83 13.30
C ALA A 225 -4.67 -4.80 14.08
N LEU A 226 -5.44 -5.63 13.36
CA LEU A 226 -6.27 -6.62 14.04
C LEU A 226 -5.41 -7.60 14.85
N ALA A 227 -4.32 -8.09 14.24
CA ALA A 227 -3.43 -9.02 14.95
C ALA A 227 -2.75 -8.34 16.14
N ALA A 228 -2.20 -7.14 15.91
CA ALA A 228 -1.41 -6.50 16.97
C ALA A 228 -2.26 -6.12 18.17
N ILE A 229 -3.53 -5.76 17.97
CA ILE A 229 -4.40 -5.47 19.12
C ILE A 229 -4.98 -6.72 19.75
N GLY A 230 -4.74 -7.90 19.19
CA GLY A 230 -5.23 -9.13 19.78
C GLY A 230 -6.68 -9.48 19.46
N PHE A 231 -7.18 -9.08 18.30
CA PHE A 231 -8.62 -9.19 17.98
C PHE A 231 -9.14 -10.60 18.17
N LYS A 232 -10.31 -10.72 18.79
CA LYS A 232 -10.92 -12.02 19.06
C LYS A 232 -12.32 -12.21 18.50
N GLY A 233 -12.86 -11.25 17.75
CA GLY A 233 -14.26 -11.31 17.35
C GLY A 233 -14.53 -11.98 16.02
N VAL A 234 -15.49 -11.42 15.30
CA VAL A 234 -15.97 -11.98 14.04
C VAL A 234 -15.52 -11.11 12.87
N LEU A 235 -15.08 -11.75 11.79
CA LEU A 235 -14.70 -11.09 10.54
C LEU A 235 -15.78 -11.41 9.51
N THR A 236 -16.63 -10.43 9.20
CA THR A 236 -17.82 -10.70 8.40
C THR A 236 -17.70 -10.02 7.04
N LEU A 237 -17.74 -10.81 5.97
CA LEU A 237 -17.75 -10.26 4.62
C LEU A 237 -19.07 -9.51 4.38
N GLU A 238 -18.96 -8.28 3.90
CA GLU A 238 -20.10 -7.51 3.40
C GLU A 238 -19.79 -7.06 1.98
N SER A 239 -20.63 -7.44 1.03
CA SER A 239 -20.47 -7.07 -0.38
C SER A 239 -21.86 -6.86 -0.98
N PHE A 240 -21.96 -5.93 -1.95
CA PHE A 240 -23.24 -5.63 -2.57
C PHE A 240 -23.49 -6.42 -3.86
N ALA A 241 -22.69 -7.46 -4.11
CA ALA A 241 -22.70 -8.14 -5.40
C ALA A 241 -24.00 -8.87 -5.71
N ALA A 242 -24.81 -9.20 -4.70
CA ALA A 242 -26.10 -9.84 -4.91
C ALA A 242 -27.27 -8.87 -4.88
N MET A 243 -27.02 -7.60 -4.59
CA MET A 243 -28.11 -6.66 -4.35
C MET A 243 -28.95 -6.47 -5.61
N PRO A 244 -30.28 -6.54 -5.51
CA PRO A 244 -31.13 -6.31 -6.67
C PRO A 244 -31.22 -4.84 -7.02
N GLU A 245 -31.50 -4.58 -8.30
CA GLU A 245 -31.57 -3.19 -8.78
C GLU A 245 -32.56 -2.36 -7.97
N GLU A 246 -33.65 -2.97 -7.49
CA GLU A 246 -34.65 -2.23 -6.74
C GLU A 246 -34.11 -1.69 -5.43
N MET A 247 -32.98 -2.22 -4.95
CA MET A 247 -32.34 -1.76 -3.72
C MET A 247 -31.53 -0.49 -3.90
N ALA A 248 -31.36 -0.02 -5.15
CA ALA A 248 -30.32 0.95 -5.47
C ALA A 248 -30.39 2.18 -4.58
N GLY A 249 -31.58 2.76 -4.43
CA GLY A 249 -31.71 3.97 -3.63
C GLY A 249 -31.39 3.74 -2.17
N ALA A 250 -31.76 2.57 -1.64
CA ALA A 250 -31.51 2.25 -0.24
C ALA A 250 -30.02 2.20 0.09
N ILE A 251 -29.18 1.75 -0.85
CA ILE A 251 -27.74 1.60 -0.62
C ILE A 251 -26.91 2.57 -1.44
N SER A 252 -27.57 3.55 -2.08
CA SER A 252 -26.88 4.56 -2.90
C SER A 252 -25.93 3.87 -3.86
N THR A 253 -26.40 2.78 -4.47
CA THR A 253 -25.60 2.00 -5.40
C THR A 253 -26.27 2.06 -6.77
N TRP A 254 -25.56 2.61 -7.75
CA TRP A 254 -26.13 2.91 -9.06
C TRP A 254 -25.65 1.99 -10.15
N ARG A 255 -24.71 1.09 -9.89
CA ARG A 255 -24.10 0.25 -10.92
C ARG A 255 -23.50 -0.99 -10.25
N PRO A 256 -23.26 -2.06 -11.01
CA PRO A 256 -22.77 -3.30 -10.40
C PRO A 256 -21.46 -3.10 -9.64
N VAL A 257 -21.33 -3.78 -8.49
CA VAL A 257 -20.09 -3.67 -7.72
C VAL A 257 -19.10 -4.77 -8.07
N ALA A 258 -19.54 -5.80 -8.78
CA ALA A 258 -18.70 -6.94 -9.15
C ALA A 258 -19.48 -7.74 -10.18
N SER A 259 -18.94 -8.90 -10.57
CA SER A 259 -19.58 -9.73 -11.59
C SER A 259 -20.79 -10.46 -11.04
N GLY A 260 -20.65 -11.11 -9.88
CA GLY A 260 -21.76 -11.76 -9.23
C GLY A 260 -21.36 -12.24 -7.86
N ALA A 261 -22.36 -12.65 -7.08
CA ALA A 261 -22.11 -13.04 -5.69
C ALA A 261 -21.25 -14.28 -5.60
N ASP A 262 -21.35 -15.19 -6.57
CA ASP A 262 -20.61 -16.44 -6.48
C ASP A 262 -19.10 -16.17 -6.53
N GLU A 263 -18.68 -15.21 -7.33
CA GLU A 263 -17.26 -14.92 -7.39
C GLU A 263 -16.80 -14.16 -6.15
N VAL A 264 -17.60 -13.20 -5.67
CA VAL A 264 -17.25 -12.50 -4.44
C VAL A 264 -17.14 -13.49 -3.29
N LEU A 265 -18.09 -14.43 -3.21
CA LEU A 265 -18.03 -15.46 -2.17
C LEU A 265 -16.77 -16.30 -2.28
N ASP A 266 -16.46 -16.76 -3.49
CA ASP A 266 -15.30 -17.64 -3.69
C ASP A 266 -14.00 -16.90 -3.39
N LYS A 267 -13.76 -15.78 -4.08
CA LYS A 267 -12.49 -15.07 -3.98
C LYS A 267 -12.39 -14.26 -2.70
N GLY A 268 -13.49 -13.57 -2.33
CA GLY A 268 -13.45 -12.68 -1.18
C GLY A 268 -13.36 -13.41 0.15
N LEU A 269 -14.17 -14.47 0.34
CA LEU A 269 -14.06 -15.24 1.59
C LEU A 269 -12.70 -15.94 1.69
N ALA A 270 -12.15 -16.40 0.57
CA ALA A 270 -10.82 -17.02 0.61
C ALA A 270 -9.75 -15.98 0.92
N PHE A 271 -9.83 -14.80 0.32
CA PHE A 271 -8.89 -13.73 0.63
C PHE A 271 -8.88 -13.40 2.11
N LEU A 272 -10.07 -13.27 2.72
CA LEU A 272 -10.12 -13.01 4.16
C LEU A 272 -9.50 -14.15 4.95
N ARG A 273 -9.81 -15.39 4.56
CA ARG A 273 -9.24 -16.57 5.21
C ARG A 273 -7.71 -16.62 5.08
N ASP A 274 -7.20 -16.27 3.90
CA ASP A 274 -5.77 -16.37 3.70
C ASP A 274 -5.01 -15.25 4.40
N LYS A 275 -5.59 -14.05 4.48
CA LYS A 275 -4.94 -12.96 5.22
C LYS A 275 -4.98 -13.21 6.72
N ALA A 276 -6.09 -13.73 7.23
CA ALA A 276 -6.16 -14.07 8.65
C ALA A 276 -5.08 -15.08 9.01
N SER A 277 -4.93 -16.10 8.18
CA SER A 277 -3.87 -17.07 8.45
C SER A 277 -2.49 -16.43 8.36
N GLN A 278 -2.26 -15.54 7.37
CA GLN A 278 -0.96 -14.86 7.27
C GLN A 278 -0.65 -14.06 8.52
N TYR A 279 -1.65 -13.43 9.13
CA TYR A 279 -1.42 -12.62 10.31
C TYR A 279 -1.80 -13.35 11.60
N ARG A 280 -2.01 -14.67 11.54
CA ARG A 280 -2.34 -15.49 12.71
C ARG A 280 -3.47 -14.91 13.55
N ILE A 281 -4.50 -14.37 12.90
CA ILE A 281 -5.70 -14.01 13.66
C ILE A 281 -6.30 -15.27 14.26
N PHE A 282 -6.79 -15.16 15.50
CA PHE A 282 -7.37 -16.31 16.22
C PHE A 282 -6.37 -17.40 16.58
N GLY A 283 -5.09 -17.26 16.21
CA GLY A 283 -4.08 -18.25 16.57
C GLY A 283 -3.87 -19.29 15.48
N MET B 1 -3.00 23.37 -20.22
CA MET B 1 -2.87 23.53 -18.77
C MET B 1 -1.95 22.47 -18.17
N GLN B 2 -0.86 22.89 -17.53
CA GLN B 2 0.08 21.93 -16.97
C GLN B 2 0.72 22.53 -15.73
N GLY B 3 0.85 21.71 -14.68
CA GLY B 3 1.59 22.13 -13.52
C GLY B 3 0.89 21.75 -12.23
N PHE B 4 1.22 22.50 -11.19
CA PHE B 4 0.71 22.26 -9.85
C PHE B 4 -0.31 23.34 -9.52
N GLY B 5 -1.41 22.91 -8.90
CA GLY B 5 -2.47 23.82 -8.55
C GLY B 5 -2.84 23.68 -7.09
N VAL B 6 -3.52 24.70 -6.58
CA VAL B 6 -4.13 24.64 -5.27
C VAL B 6 -5.53 25.21 -5.37
N HIS B 7 -6.49 24.53 -4.76
CA HIS B 7 -7.86 25.01 -4.75
C HIS B 7 -7.98 26.19 -3.80
N ALA B 8 -8.65 27.25 -4.26
CA ALA B 8 -8.85 28.45 -3.43
C ALA B 8 -9.49 28.13 -2.08
N MET B 9 -10.21 27.01 -1.97
CA MET B 9 -10.83 26.63 -0.70
C MET B 9 -9.81 26.46 0.42
N MET B 10 -8.50 26.46 0.13
CA MET B 10 -7.51 26.36 1.19
C MET B 10 -7.49 27.61 2.06
N TRP B 11 -7.97 28.73 1.53
CA TRP B 11 -8.14 29.97 2.26
C TRP B 11 -9.61 30.32 2.47
N SER B 12 -10.44 30.28 1.42
CA SER B 12 -11.89 30.39 1.62
C SER B 12 -12.61 29.96 0.34
N LEU B 13 -13.93 29.86 0.45
CA LEU B 13 -14.78 29.64 -0.73
C LEU B 13 -15.43 30.93 -1.21
N ASN B 14 -15.43 31.97 -0.38
CA ASN B 14 -15.88 33.28 -0.82
C ASN B 14 -14.92 33.84 -1.85
N TRP B 15 -15.44 34.76 -2.64
CA TRP B 15 -14.64 35.43 -3.65
C TRP B 15 -14.98 36.90 -3.70
N ASP B 16 -15.14 37.51 -2.54
CA ASP B 16 -15.10 38.97 -2.47
C ASP B 16 -13.67 39.45 -2.72
N HIS B 17 -13.48 40.77 -2.67
CA HIS B 17 -12.22 41.33 -3.15
C HIS B 17 -11.02 40.87 -2.32
N GLU B 18 -11.19 40.73 -1.00
CA GLU B 18 -10.02 40.27 -0.25
C GLU B 18 -9.95 38.76 -0.10
N SER B 19 -11.06 38.04 -0.25
CA SER B 19 -10.96 36.59 -0.37
C SER B 19 -10.15 36.21 -1.60
N ALA B 20 -10.41 36.89 -2.72
CA ALA B 20 -9.62 36.67 -3.93
C ALA B 20 -8.16 37.02 -3.70
N ARG B 21 -7.90 38.12 -2.99
CA ARG B 21 -6.52 38.52 -2.77
C ARG B 21 -5.79 37.52 -1.88
N ARG B 22 -6.45 37.06 -0.81
CA ARG B 22 -5.80 36.14 0.13
C ARG B 22 -5.46 34.82 -0.54
N ALA B 23 -6.38 34.28 -1.35
CA ALA B 23 -6.14 32.99 -1.99
C ALA B 23 -5.10 33.10 -3.11
N ILE B 24 -5.20 34.13 -3.95
CA ILE B 24 -4.25 34.28 -5.04
C ILE B 24 -2.84 34.52 -4.50
N ALA B 25 -2.72 35.45 -3.56
CA ALA B 25 -1.41 35.76 -2.99
C ALA B 25 -0.83 34.54 -2.27
N GLY B 26 -1.66 33.82 -1.53
CA GLY B 26 -1.17 32.64 -0.85
C GLY B 26 -0.74 31.56 -1.82
N ALA B 27 -1.49 31.38 -2.91
CA ALA B 27 -1.09 30.42 -3.92
C ALA B 27 0.23 30.83 -4.57
N ALA B 28 0.51 32.13 -4.68
CA ALA B 28 1.82 32.56 -5.17
C ALA B 28 2.90 32.25 -4.16
N ASP B 29 2.60 32.41 -2.87
CA ASP B 29 3.58 32.09 -1.82
C ASP B 29 3.96 30.62 -1.82
N TYR B 30 3.05 29.74 -2.23
CA TYR B 30 3.38 28.32 -2.31
C TYR B 30 3.83 27.90 -3.69
N GLY B 31 4.15 28.87 -4.56
CA GLY B 31 4.78 28.56 -5.83
C GLY B 31 3.97 27.66 -6.72
N GLN B 32 2.64 27.78 -6.68
CA GLN B 32 1.76 26.99 -7.52
C GLN B 32 1.68 27.61 -8.91
N ASP B 33 1.46 26.76 -9.91
CA ASP B 33 1.22 27.29 -11.25
C ASP B 33 -0.22 27.77 -11.42
N PHE B 34 -1.17 27.05 -10.83
CA PHE B 34 -2.58 27.34 -11.01
C PHE B 34 -3.26 27.51 -9.66
N ILE B 35 -4.28 28.36 -9.64
CA ILE B 35 -5.25 28.38 -8.57
C ILE B 35 -6.59 27.99 -9.17
N GLU B 36 -7.38 27.22 -8.42
CA GLU B 36 -8.71 26.82 -8.85
C GLU B 36 -9.71 27.72 -8.13
N ILE B 37 -10.44 28.52 -8.88
CA ILE B 37 -11.31 29.55 -8.32
C ILE B 37 -12.73 29.00 -8.33
N PRO B 38 -13.38 28.83 -7.18
CA PRO B 38 -14.76 28.33 -7.18
C PRO B 38 -15.72 29.42 -7.63
N LEU B 39 -16.69 29.03 -8.46
CA LEU B 39 -17.75 29.95 -8.90
C LEU B 39 -19.03 29.54 -8.20
N VAL B 40 -19.31 30.14 -7.04
CA VAL B 40 -20.53 29.76 -6.33
C VAL B 40 -21.61 30.78 -6.58
N ASP B 41 -21.36 32.03 -6.21
CA ASP B 41 -22.30 33.14 -6.45
C ASP B 41 -21.75 33.95 -7.63
N LEU B 42 -22.08 33.49 -8.84
CA LEU B 42 -21.63 34.16 -10.07
C LEU B 42 -21.83 35.67 -10.10
N PRO B 43 -22.98 36.24 -9.68
CA PRO B 43 -23.11 37.72 -9.70
C PRO B 43 -22.06 38.46 -8.88
N SER B 44 -21.64 37.92 -7.74
CA SER B 44 -20.74 38.61 -6.83
C SER B 44 -19.27 38.35 -7.15
N VAL B 45 -18.95 37.99 -8.39
CA VAL B 45 -17.58 37.70 -8.79
C VAL B 45 -17.08 38.86 -9.64
N ASP B 46 -16.07 39.57 -9.14
CA ASP B 46 -15.50 40.73 -9.84
C ASP B 46 -14.35 40.24 -10.71
N THR B 47 -14.63 40.08 -12.00
CA THR B 47 -13.65 39.48 -12.90
C THR B 47 -12.48 40.43 -13.18
N ALA B 48 -12.70 41.74 -13.13
CA ALA B 48 -11.62 42.68 -13.40
C ALA B 48 -10.65 42.72 -12.24
N HIS B 49 -11.16 42.83 -11.01
CA HIS B 49 -10.33 42.78 -9.81
C HIS B 49 -9.56 41.46 -9.75
N THR B 50 -10.24 40.35 -10.05
CA THR B 50 -9.58 39.04 -9.99
C THR B 50 -8.45 38.96 -11.01
N ARG B 51 -8.74 39.32 -12.26
CA ARG B 51 -7.74 39.29 -13.31
C ARG B 51 -6.53 40.14 -12.94
N ALA B 52 -6.78 41.33 -12.39
CA ALA B 52 -5.71 42.18 -11.88
C ALA B 52 -4.83 41.44 -10.88
N LEU B 53 -5.46 40.70 -9.97
CA LEU B 53 -4.69 39.97 -8.96
C LEU B 53 -3.87 38.85 -9.59
N LEU B 54 -4.47 38.09 -10.50
CA LEU B 54 -3.77 36.99 -11.16
C LEU B 54 -2.54 37.51 -11.89
N GLU B 55 -2.70 38.59 -12.66
CA GLU B 55 -1.56 39.14 -13.37
C GLU B 55 -0.52 39.72 -12.42
N LYS B 56 -0.96 40.24 -11.26
CA LYS B 56 0.02 40.79 -10.31
C LYS B 56 0.92 39.71 -9.73
N TYR B 57 0.40 38.50 -9.52
CA TYR B 57 1.16 37.44 -8.88
C TYR B 57 1.67 36.40 -9.86
N GLY B 58 1.42 36.58 -11.16
CA GLY B 58 1.95 35.66 -12.16
C GLY B 58 1.32 34.28 -12.12
N LEU B 59 0.03 34.20 -11.79
CA LEU B 59 -0.63 32.95 -11.46
C LEU B 59 -1.72 32.65 -12.48
N ARG B 60 -1.76 31.41 -12.95
CA ARG B 60 -2.81 31.00 -13.88
C ARG B 60 -4.03 30.51 -13.09
N ALA B 61 -5.17 30.38 -13.77
CA ALA B 61 -6.35 29.95 -13.04
C ALA B 61 -7.22 29.02 -13.86
N ALA B 62 -7.88 28.12 -13.15
CA ALA B 62 -9.03 27.40 -13.67
C ALA B 62 -10.20 27.63 -12.73
N CYS B 63 -11.41 27.56 -13.28
CA CYS B 63 -12.62 27.74 -12.50
C CYS B 63 -13.37 26.43 -12.31
N SER B 64 -14.06 26.34 -11.19
CA SER B 64 -14.85 25.17 -10.88
C SER B 64 -16.13 25.58 -10.17
N LEU B 65 -17.11 24.69 -10.25
CA LEU B 65 -18.41 24.90 -9.65
C LEU B 65 -19.11 23.56 -9.49
N VAL B 66 -20.16 23.56 -8.70
CA VAL B 66 -21.16 22.51 -8.69
C VAL B 66 -22.49 23.15 -9.11
N LEU B 67 -23.20 22.53 -10.04
CA LEU B 67 -24.47 23.07 -10.50
C LEU B 67 -25.46 23.16 -9.34
N PRO B 68 -26.04 24.32 -9.08
CA PRO B 68 -27.12 24.41 -8.09
C PRO B 68 -28.33 23.65 -8.59
N GLU B 69 -29.17 23.24 -7.65
CA GLU B 69 -30.31 22.40 -7.99
C GLU B 69 -31.20 22.97 -9.09
N PRO B 70 -31.58 24.26 -9.09
CA PRO B 70 -32.39 24.77 -10.21
C PRO B 70 -31.77 24.47 -11.58
N ALA B 71 -30.46 24.21 -11.60
CA ALA B 71 -29.71 24.09 -12.84
C ALA B 71 -29.19 22.68 -13.13
N TRP B 72 -29.58 21.68 -12.33
CA TRP B 72 -29.11 20.32 -12.60
C TRP B 72 -29.50 19.90 -14.01
N ALA B 73 -28.49 19.48 -14.78
CA ALA B 73 -28.71 19.23 -16.20
C ALA B 73 -29.47 17.95 -16.47
N SER B 74 -29.47 17.01 -15.51
CA SER B 74 -30.16 15.75 -15.75
C SER B 74 -31.68 15.95 -15.83
N VAL B 75 -32.19 16.96 -15.13
CA VAL B 75 -33.62 17.24 -15.11
C VAL B 75 -33.97 18.55 -15.80
N ARG B 76 -33.08 19.56 -15.75
CA ARG B 76 -33.33 20.90 -16.29
C ARG B 76 -32.16 21.31 -17.18
N PRO B 77 -32.01 20.67 -18.34
CA PRO B 77 -30.83 20.94 -19.18
C PRO B 77 -30.74 22.37 -19.66
N GLU B 78 -31.86 23.09 -19.69
CA GLU B 78 -31.86 24.44 -20.25
C GLU B 78 -31.38 25.47 -19.23
N ALA B 79 -31.79 25.33 -17.97
CA ALA B 79 -31.22 26.17 -16.92
C ALA B 79 -29.76 25.82 -16.66
N ALA B 80 -29.37 24.58 -16.98
CA ALA B 80 -27.96 24.18 -16.90
C ALA B 80 -27.12 24.99 -17.86
N VAL B 81 -27.50 25.00 -19.15
CA VAL B 81 -26.73 25.73 -20.15
C VAL B 81 -26.66 27.21 -19.79
N ALA B 82 -27.78 27.77 -19.32
CA ALA B 82 -27.80 29.15 -18.85
C ALA B 82 -26.72 29.37 -17.80
N HIS B 83 -26.81 28.64 -16.68
CA HIS B 83 -25.84 28.79 -15.59
C HIS B 83 -24.41 28.51 -16.06
N LEU B 84 -24.21 27.46 -16.85
CA LEU B 84 -22.86 27.11 -17.28
C LEU B 84 -22.27 28.19 -18.19
N ASN B 85 -23.09 28.77 -19.07
CA ASN B 85 -22.59 29.82 -19.95
C ASN B 85 -22.27 31.09 -19.17
N ALA B 86 -23.09 31.44 -18.17
CA ALA B 86 -22.79 32.62 -17.36
C ALA B 86 -21.57 32.43 -16.47
N ALA B 87 -21.21 31.18 -16.16
CA ALA B 87 -19.99 30.92 -15.40
C ALA B 87 -18.78 30.88 -16.30
N LEU B 88 -18.96 30.35 -17.52
CA LEU B 88 -17.91 30.41 -18.53
C LEU B 88 -17.57 31.86 -18.88
N ASP B 89 -18.60 32.71 -18.98
CA ASP B 89 -18.36 34.13 -19.22
C ASP B 89 -17.51 34.74 -18.13
N LYS B 90 -17.86 34.48 -16.87
CA LYS B 90 -17.08 35.02 -15.76
C LYS B 90 -15.68 34.42 -15.73
N ALA B 91 -15.53 33.16 -16.14
CA ALA B 91 -14.21 32.54 -16.14
C ALA B 91 -13.32 33.14 -17.22
N ALA B 92 -13.89 33.41 -18.41
CA ALA B 92 -13.12 34.00 -19.50
C ALA B 92 -12.76 35.44 -19.21
N GLU B 93 -13.72 36.22 -18.67
CA GLU B 93 -13.43 37.59 -18.25
C GLU B 93 -12.27 37.65 -17.28
N MET B 94 -12.11 36.61 -16.48
CA MET B 94 -11.20 36.63 -15.34
C MET B 94 -9.79 36.22 -15.73
N GLY B 95 -9.62 35.57 -16.88
CA GLY B 95 -8.35 35.07 -17.33
C GLY B 95 -8.17 33.59 -17.14
N ALA B 96 -9.08 32.95 -16.41
CA ALA B 96 -9.05 31.51 -16.23
C ALA B 96 -9.11 30.80 -17.57
N GLU B 97 -8.53 29.60 -17.60
CA GLU B 97 -8.36 28.85 -18.83
C GLU B 97 -9.32 27.67 -18.94
N ALA B 98 -10.15 27.43 -17.94
CA ALA B 98 -11.05 26.29 -18.02
C ALA B 98 -12.11 26.40 -16.92
N LEU B 99 -13.25 25.77 -17.19
CA LEU B 99 -14.27 25.53 -16.18
C LEU B 99 -14.37 24.02 -15.98
N THR B 100 -14.27 23.59 -14.72
CA THR B 100 -14.29 22.16 -14.43
C THR B 100 -15.16 21.94 -13.19
N GLY B 101 -15.15 20.72 -12.67
CA GLY B 101 -15.91 20.46 -11.46
C GLY B 101 -17.17 19.67 -11.72
N VAL B 102 -18.19 19.84 -10.88
CA VAL B 102 -19.40 19.06 -11.07
C VAL B 102 -20.30 19.89 -11.99
N THR B 103 -19.94 19.92 -13.27
CA THR B 103 -20.57 20.79 -14.26
C THR B 103 -21.80 20.16 -14.91
N TYR B 104 -22.26 19.02 -14.40
CA TYR B 104 -23.34 18.26 -14.99
C TYR B 104 -24.46 17.98 -13.99
N GLY B 105 -24.36 18.48 -12.77
CA GLY B 105 -25.34 18.15 -11.74
C GLY B 105 -24.86 18.66 -10.39
N GLY B 106 -25.45 18.10 -9.33
CA GLY B 106 -25.10 18.49 -7.98
C GLY B 106 -24.21 17.46 -7.26
N THR B 107 -23.74 17.87 -6.09
CA THR B 107 -23.08 16.96 -5.17
C THR B 107 -24.02 16.48 -4.09
N SER B 108 -25.30 16.81 -4.22
CA SER B 108 -26.34 16.25 -3.38
C SER B 108 -27.45 15.70 -4.26
N GLU B 109 -27.11 15.34 -5.49
CA GLU B 109 -28.11 14.95 -6.47
C GLU B 109 -28.36 13.46 -6.41
N ARG B 110 -29.65 13.09 -6.44
CA ARG B 110 -30.10 11.74 -6.21
C ARG B 110 -31.53 11.60 -6.72
N THR B 111 -31.81 10.63 -7.60
CA THR B 111 -33.20 10.33 -7.92
C THR B 111 -33.75 9.17 -7.09
N GLY B 112 -32.87 8.37 -6.49
CA GLY B 112 -33.25 7.14 -5.85
C GLY B 112 -33.14 5.93 -6.73
N PHE B 113 -32.88 6.13 -8.02
CA PHE B 113 -32.81 5.07 -9.01
C PHE B 113 -31.50 5.21 -9.77
N PRO B 114 -31.08 4.16 -10.47
CA PRO B 114 -29.92 4.29 -11.37
C PRO B 114 -30.11 5.41 -12.38
N PRO B 115 -29.03 5.91 -12.97
CA PRO B 115 -29.17 6.89 -14.04
C PRO B 115 -29.88 6.29 -15.25
N THR B 116 -30.77 7.09 -15.84
CA THR B 116 -31.56 6.71 -16.99
C THR B 116 -30.99 7.35 -18.25
N GLN B 117 -31.22 6.71 -19.40
CA GLN B 117 -30.70 7.26 -20.64
C GLN B 117 -31.33 8.60 -20.96
N ALA B 118 -32.58 8.83 -20.52
CA ALA B 118 -33.18 10.15 -20.65
C ALA B 118 -32.36 11.19 -19.89
N GLU B 119 -31.92 10.85 -18.68
CA GLU B 119 -31.06 11.76 -17.93
C GLU B 119 -29.75 11.99 -18.68
N TYR B 120 -29.20 10.95 -19.28
CA TYR B 120 -27.93 11.12 -19.99
C TYR B 120 -28.10 11.91 -21.27
N ASP B 121 -29.25 11.77 -21.94
CA ASP B 121 -29.57 12.62 -23.08
C ASP B 121 -29.63 14.09 -22.68
N ASN B 122 -30.24 14.37 -21.51
CA ASN B 122 -30.26 15.72 -21.01
C ASN B 122 -28.85 16.22 -20.74
N LEU B 123 -28.05 15.42 -20.03
CA LEU B 123 -26.65 15.78 -19.82
C LEU B 123 -25.96 16.04 -21.16
N THR B 124 -26.14 15.15 -22.13
CA THR B 124 -25.44 15.31 -23.41
C THR B 124 -25.86 16.58 -24.12
N ARG B 125 -27.17 16.87 -24.15
CA ARG B 125 -27.63 18.08 -24.83
C ARG B 125 -27.12 19.33 -24.11
N ALA B 126 -27.23 19.35 -22.78
CA ALA B 126 -26.82 20.53 -22.03
C ALA B 126 -25.32 20.77 -22.15
N LEU B 127 -24.52 19.70 -22.08
CA LEU B 127 -23.08 19.87 -21.98
C LEU B 127 -22.45 20.15 -23.34
N SER B 128 -23.05 19.64 -24.43
CA SER B 128 -22.51 19.93 -25.76
C SER B 128 -22.68 21.40 -26.13
N GLN B 129 -23.71 22.06 -25.60
CA GLN B 129 -23.92 23.48 -25.88
C GLN B 129 -22.96 24.35 -25.07
N SER B 130 -22.89 24.15 -23.75
CA SER B 130 -22.02 24.97 -22.93
C SER B 130 -20.56 24.71 -23.26
N ALA B 131 -20.22 23.50 -23.69
CA ALA B 131 -18.85 23.26 -24.17
C ALA B 131 -18.61 23.98 -25.49
N GLY B 132 -19.59 23.91 -26.40
CA GLY B 132 -19.51 24.73 -27.59
C GLY B 132 -19.34 26.20 -27.26
N HIS B 133 -20.08 26.69 -26.26
CA HIS B 133 -19.88 28.05 -25.80
C HIS B 133 -18.47 28.24 -25.27
N ALA B 134 -17.96 27.27 -24.51
CA ALA B 134 -16.60 27.37 -23.99
C ALA B 134 -15.59 27.52 -25.11
N LYS B 135 -15.84 26.82 -26.23
CA LYS B 135 -14.95 26.88 -27.40
C LYS B 135 -14.83 28.30 -27.94
N THR B 136 -15.95 29.03 -28.03
CA THR B 136 -15.91 30.40 -28.56
C THR B 136 -15.09 31.32 -27.68
N LEU B 137 -14.91 30.98 -26.41
CA LEU B 137 -14.11 31.79 -25.48
C LEU B 137 -12.69 31.28 -25.37
N GLY B 138 -12.34 30.22 -26.10
CA GLY B 138 -11.05 29.60 -25.99
C GLY B 138 -10.85 28.75 -24.76
N LEU B 139 -11.92 28.42 -24.05
CA LEU B 139 -11.86 27.67 -22.79
C LEU B 139 -12.01 26.17 -23.03
N GLN B 140 -11.40 25.39 -22.13
CA GLN B 140 -11.66 23.97 -22.00
C GLN B 140 -12.73 23.75 -20.93
N PHE B 141 -13.42 22.61 -21.04
CA PHE B 141 -14.59 22.32 -20.24
C PHE B 141 -14.37 20.99 -19.52
N GLY B 142 -14.48 20.99 -18.20
CA GLY B 142 -14.15 19.83 -17.37
C GLY B 142 -15.38 19.13 -16.80
N ILE B 143 -15.30 17.81 -16.73
CA ILE B 143 -16.30 16.94 -16.12
C ILE B 143 -15.60 16.17 -15.01
N GLU B 144 -15.96 16.43 -13.74
CA GLU B 144 -15.36 15.76 -12.59
C GLU B 144 -16.27 14.65 -12.07
N ALA B 145 -15.75 13.43 -12.02
CA ALA B 145 -16.48 12.30 -11.43
C ALA B 145 -16.43 12.36 -9.91
N VAL B 146 -17.59 12.15 -9.27
CA VAL B 146 -17.71 12.16 -7.81
C VAL B 146 -18.30 10.83 -7.32
N ASN B 147 -18.27 10.64 -5.99
CA ASN B 147 -18.69 9.34 -5.49
C ASN B 147 -20.24 9.20 -5.50
N ARG B 148 -20.69 7.94 -5.32
CA ARG B 148 -22.09 7.55 -5.46
C ARG B 148 -23.01 8.33 -4.53
N TYR B 149 -22.49 8.79 -3.41
CA TYR B 149 -23.31 9.50 -2.44
C TYR B 149 -23.59 10.94 -2.85
N GLU B 150 -22.80 11.48 -3.79
CA GLU B 150 -22.93 12.86 -4.22
C GLU B 150 -23.73 13.01 -5.51
N ASN B 151 -23.75 11.98 -6.33
CA ASN B 151 -24.36 12.08 -7.65
C ASN B 151 -24.54 10.66 -8.15
N HIS B 152 -25.61 10.45 -8.92
CA HIS B 152 -25.87 9.11 -9.45
C HIS B 152 -25.48 8.97 -10.92
N LEU B 153 -24.93 10.01 -11.54
CA LEU B 153 -24.72 10.03 -12.98
C LEU B 153 -23.27 9.78 -13.40
N VAL B 154 -22.30 10.45 -12.79
CA VAL B 154 -20.90 10.33 -13.22
C VAL B 154 -20.04 10.00 -12.00
N ASN B 155 -19.79 8.70 -11.78
CA ASN B 155 -19.07 8.22 -10.60
C ASN B 155 -17.68 7.68 -10.93
N SER B 156 -17.55 6.87 -11.97
CA SER B 156 -16.26 6.29 -12.33
C SER B 156 -15.65 7.07 -13.50
N ALA B 157 -14.35 6.88 -13.70
CA ALA B 157 -13.70 7.43 -14.89
C ALA B 157 -14.31 6.87 -16.17
N GLU B 158 -14.76 5.62 -16.16
CA GLU B 158 -15.37 5.05 -17.37
C GLU B 158 -16.68 5.77 -17.73
N GLN B 159 -17.52 6.05 -16.74
CA GLN B 159 -18.73 6.82 -17.02
C GLN B 159 -18.36 8.19 -17.55
N ALA B 160 -17.30 8.78 -17.01
CA ALA B 160 -16.91 10.13 -17.44
C ALA B 160 -16.46 10.11 -18.89
N VAL B 161 -15.61 9.13 -19.24
CA VAL B 161 -15.13 9.01 -20.61
C VAL B 161 -16.30 8.79 -21.57
N ALA B 162 -17.14 7.80 -21.26
CA ALA B 162 -18.28 7.51 -22.10
C ALA B 162 -19.14 8.75 -22.35
N LEU B 163 -19.35 9.55 -21.30
CA LEU B 163 -20.11 10.79 -21.46
C LEU B 163 -19.38 11.77 -22.37
N VAL B 164 -18.08 11.98 -22.14
CA VAL B 164 -17.30 12.86 -23.02
C VAL B 164 -17.41 12.39 -24.46
N GLU B 165 -17.16 11.10 -24.71
CA GLU B 165 -17.22 10.55 -26.06
C GLU B 165 -18.61 10.69 -26.66
N ARG B 166 -19.65 10.77 -25.84
CA ARG B 166 -20.99 10.95 -26.41
C ARG B 166 -21.20 12.38 -26.87
N ILE B 167 -20.82 13.33 -26.02
CA ILE B 167 -20.88 14.74 -26.39
C ILE B 167 -20.08 15.00 -27.67
N GLY B 168 -18.87 14.43 -27.75
CA GLY B 168 -18.12 14.55 -28.99
C GLY B 168 -17.49 15.91 -29.25
N ALA B 169 -17.43 16.78 -28.24
CA ALA B 169 -16.64 17.99 -28.40
C ALA B 169 -15.15 17.65 -28.41
N ASP B 170 -14.32 18.66 -28.65
CA ASP B 170 -12.88 18.47 -28.60
C ASP B 170 -12.24 19.23 -27.46
N ASN B 171 -13.00 20.01 -26.69
CA ASN B 171 -12.45 20.80 -25.60
C ASN B 171 -12.97 20.37 -24.22
N ILE B 172 -13.60 19.21 -24.12
CA ILE B 172 -14.02 18.63 -22.85
C ILE B 172 -12.95 17.66 -22.38
N PHE B 173 -12.62 17.73 -21.11
CA PHE B 173 -11.63 16.83 -20.55
C PHE B 173 -12.24 16.15 -19.34
N VAL B 174 -11.68 15.01 -18.97
CA VAL B 174 -12.11 14.33 -17.77
C VAL B 174 -11.27 14.86 -16.62
N HIS B 175 -11.94 15.06 -15.49
CA HIS B 175 -11.35 15.57 -14.26
C HIS B 175 -11.60 14.51 -13.19
N LEU B 176 -10.55 14.04 -12.53
CA LEU B 176 -10.71 12.99 -11.54
C LEU B 176 -10.27 13.51 -10.17
N ASP B 177 -10.79 12.85 -9.12
CA ASP B 177 -10.60 13.25 -7.74
C ASP B 177 -10.22 12.03 -6.92
N THR B 178 -9.00 11.99 -6.34
CA THR B 178 -8.57 10.79 -5.61
C THR B 178 -9.47 10.50 -4.40
N PHE B 179 -10.09 11.53 -3.78
CA PHE B 179 -11.03 11.25 -2.69
C PHE B 179 -12.19 10.39 -3.19
N HIS B 180 -12.73 10.73 -4.38
CA HIS B 180 -13.85 9.98 -4.95
C HIS B 180 -13.39 8.65 -5.57
N MET B 181 -12.22 8.63 -6.21
CA MET B 181 -11.75 7.40 -6.84
C MET B 181 -11.46 6.32 -5.80
N ASN B 182 -11.07 6.75 -4.59
CA ASN B 182 -10.75 5.83 -3.51
C ASN B 182 -11.93 4.92 -3.21
N MET B 183 -13.16 5.38 -3.47
CA MET B 183 -14.38 4.60 -3.39
C MET B 183 -14.82 4.02 -4.73
N GLU B 184 -14.78 4.82 -5.80
CA GLU B 184 -15.44 4.39 -7.04
C GLU B 184 -14.58 3.49 -7.93
N GLU B 185 -13.25 3.61 -7.91
CA GLU B 185 -12.39 2.84 -8.82
C GLU B 185 -11.98 1.53 -8.17
N LYS B 186 -12.11 0.44 -8.93
CA LYS B 186 -11.74 -0.90 -8.47
C LYS B 186 -10.22 -1.02 -8.59
N GLY B 187 -9.52 -0.40 -7.64
CA GLY B 187 -8.13 -0.09 -7.79
C GLY B 187 -8.00 1.31 -8.37
N ILE B 188 -7.52 2.27 -7.57
CA ILE B 188 -7.62 3.68 -7.94
C ILE B 188 -6.92 3.94 -9.27
N ALA B 189 -5.81 3.25 -9.53
CA ALA B 189 -5.07 3.50 -10.77
C ALA B 189 -5.89 3.17 -12.01
N ASN B 190 -6.88 2.27 -11.89
CA ASN B 190 -7.72 1.94 -13.04
C ASN B 190 -8.51 3.15 -13.53
N GLY B 191 -8.86 4.08 -12.63
CA GLY B 191 -9.57 5.27 -13.08
C GLY B 191 -8.69 6.16 -13.94
N ILE B 192 -7.43 6.32 -13.55
CA ILE B 192 -6.49 7.10 -14.35
C ILE B 192 -6.23 6.41 -15.69
N ILE B 193 -6.04 5.09 -15.67
CA ILE B 193 -5.83 4.34 -16.90
C ILE B 193 -7.04 4.47 -17.81
N ALA B 194 -8.26 4.34 -17.25
CA ALA B 194 -9.47 4.43 -18.08
C ALA B 194 -9.62 5.82 -18.68
N ALA B 195 -9.23 6.86 -17.95
CA ALA B 195 -9.45 8.20 -18.49
C ALA B 195 -8.32 8.62 -19.43
N HIS B 196 -7.12 8.05 -19.25
CA HIS B 196 -5.94 8.24 -20.10
C HIS B 196 -5.95 9.51 -20.94
N ASP B 197 -6.54 9.42 -22.15
CA ASP B 197 -6.52 10.53 -23.10
C ASP B 197 -7.14 11.79 -22.52
N TYR B 198 -8.36 11.67 -21.99
CA TYR B 198 -9.14 12.83 -21.62
C TYR B 198 -8.76 13.41 -20.26
N LEU B 199 -7.86 12.77 -19.53
CA LEU B 199 -7.52 13.22 -18.19
C LEU B 199 -6.55 14.38 -18.27
N LYS B 200 -7.01 15.59 -17.95
CA LYS B 200 -6.14 16.74 -17.96
C LYS B 200 -6.13 17.46 -16.62
N TYR B 201 -6.86 16.94 -15.63
CA TYR B 201 -6.99 17.65 -14.38
C TYR B 201 -7.27 16.64 -13.28
N MET B 202 -6.58 16.80 -12.15
CA MET B 202 -6.69 15.91 -11.01
C MET B 202 -6.96 16.73 -9.78
N HIS B 203 -7.95 16.32 -8.98
CA HIS B 203 -7.98 16.74 -7.59
C HIS B 203 -7.19 15.71 -6.78
N MET B 204 -6.07 16.16 -6.22
CA MET B 204 -5.20 15.32 -5.38
C MET B 204 -5.64 15.56 -3.93
N SER B 205 -6.43 14.62 -3.42
CA SER B 205 -7.13 14.82 -2.15
C SER B 205 -6.98 13.54 -1.35
N GLU B 206 -6.66 13.67 -0.07
CA GLU B 206 -6.56 12.51 0.79
C GLU B 206 -7.95 11.87 1.00
N SER B 207 -7.94 10.60 1.43
CA SER B 207 -9.17 9.82 1.57
C SER B 207 -10.14 10.39 2.60
N ASP B 208 -9.67 11.26 3.49
CA ASP B 208 -10.52 11.93 4.47
C ASP B 208 -10.65 13.42 4.21
N ARG B 209 -10.21 13.88 3.03
CA ARG B 209 -10.13 15.31 2.70
C ARG B 209 -9.14 16.06 3.58
N GLY B 210 -8.30 15.35 4.35
CA GLY B 210 -7.27 15.99 5.15
C GLY B 210 -6.01 16.28 4.34
N THR B 211 -4.89 15.65 4.68
CA THR B 211 -3.59 16.00 4.12
C THR B 211 -3.09 14.87 3.22
N PRO B 212 -2.90 15.08 1.92
CA PRO B 212 -2.31 14.02 1.09
C PRO B 212 -1.02 13.53 1.69
N GLY B 213 -0.87 12.20 1.73
CA GLY B 213 0.24 11.57 2.42
C GLY B 213 -0.11 10.94 3.76
N PHE B 214 -1.26 11.30 4.35
CA PHE B 214 -1.62 10.85 5.70
C PHE B 214 -3.05 10.32 5.70
N GLY B 215 -3.31 9.32 4.86
CA GLY B 215 -4.62 8.71 4.80
C GLY B 215 -4.59 7.40 4.07
N ASN B 216 -5.59 7.11 3.24
CA ASN B 216 -5.68 5.79 2.63
C ASN B 216 -5.52 5.79 1.11
N VAL B 217 -5.33 6.95 0.48
CA VAL B 217 -5.12 6.96 -0.95
C VAL B 217 -3.78 6.29 -1.25
N ALA B 218 -3.77 5.34 -2.20
CA ALA B 218 -2.55 4.63 -2.58
C ALA B 218 -1.78 5.53 -3.55
N TRP B 219 -0.95 6.40 -2.99
CA TRP B 219 -0.36 7.47 -3.80
C TRP B 219 0.66 6.94 -4.79
N ASP B 220 1.29 5.79 -4.51
CA ASP B 220 2.25 5.27 -5.48
C ASP B 220 1.51 4.70 -6.69
N ALA B 221 0.37 4.03 -6.48
CA ALA B 221 -0.43 3.63 -7.63
C ALA B 221 -0.91 4.84 -8.42
N VAL B 222 -1.33 5.91 -7.73
CA VAL B 222 -1.80 7.11 -8.41
C VAL B 222 -0.69 7.71 -9.29
N PHE B 223 0.48 7.98 -8.70
CA PHE B 223 1.54 8.64 -9.45
C PHE B 223 2.16 7.72 -10.50
N ALA B 224 2.24 6.42 -10.20
CA ALA B 224 2.64 5.45 -11.22
C ALA B 224 1.77 5.55 -12.46
N ALA B 225 0.45 5.49 -12.28
CA ALA B 225 -0.48 5.58 -13.40
C ALA B 225 -0.36 6.93 -14.11
N LEU B 226 -0.32 8.02 -13.35
CA LEU B 226 -0.17 9.34 -13.97
C LEU B 226 1.11 9.42 -14.81
N ALA B 227 2.20 8.86 -14.29
CA ALA B 227 3.45 8.91 -15.04
C ALA B 227 3.36 8.00 -16.27
N ALA B 228 2.81 6.79 -16.10
CA ALA B 228 2.84 5.83 -17.19
C ALA B 228 1.92 6.21 -18.35
N ILE B 229 0.85 6.98 -18.09
CA ILE B 229 -0.02 7.45 -19.16
C ILE B 229 0.51 8.73 -19.82
N GLY B 230 1.61 9.28 -19.30
CA GLY B 230 2.13 10.56 -19.82
C GLY B 230 1.30 11.78 -19.48
N PHE B 231 0.73 11.82 -18.27
CA PHE B 231 -0.09 12.94 -17.82
C PHE B 231 0.67 14.27 -17.90
N LYS B 232 0.06 15.25 -18.55
CA LYS B 232 0.63 16.59 -18.63
C LYS B 232 -0.37 17.66 -18.20
N GLY B 233 -1.33 17.32 -17.35
CA GLY B 233 -2.34 18.25 -16.91
C GLY B 233 -1.99 18.94 -15.60
N VAL B 234 -3.02 19.28 -14.82
CA VAL B 234 -2.87 19.96 -13.54
C VAL B 234 -3.15 19.00 -12.39
N LEU B 235 -2.29 19.05 -11.38
CA LEU B 235 -2.44 18.33 -10.12
C LEU B 235 -2.83 19.36 -9.05
N THR B 236 -4.11 19.41 -8.70
CA THR B 236 -4.61 20.42 -7.78
C THR B 236 -4.94 19.79 -6.44
N LEU B 237 -4.30 20.28 -5.39
CA LEU B 237 -4.65 19.88 -4.04
C LEU B 237 -6.05 20.37 -3.67
N GLU B 238 -6.89 19.44 -3.18
CA GLU B 238 -8.21 19.75 -2.63
C GLU B 238 -8.25 19.17 -1.23
N SER B 239 -8.49 20.03 -0.24
CA SER B 239 -8.58 19.60 1.14
C SER B 239 -9.63 20.45 1.84
N PHE B 240 -10.34 19.86 2.79
CA PHE B 240 -11.38 20.57 3.52
C PHE B 240 -10.86 21.14 4.84
N ALA B 241 -9.54 21.31 4.96
CA ALA B 241 -8.96 21.70 6.25
C ALA B 241 -9.30 23.12 6.65
N ALA B 242 -9.64 23.97 5.67
CA ALA B 242 -9.99 25.35 5.94
C ALA B 242 -11.49 25.59 5.93
N MET B 243 -12.27 24.58 5.58
CA MET B 243 -13.71 24.77 5.45
C MET B 243 -14.32 25.24 6.77
N PRO B 244 -15.15 26.28 6.76
CA PRO B 244 -15.78 26.75 7.99
C PRO B 244 -16.95 25.86 8.41
N GLU B 245 -17.24 25.90 9.72
CA GLU B 245 -18.35 25.14 10.28
C GLU B 245 -19.65 25.40 9.52
N GLU B 246 -19.82 26.61 9.01
CA GLU B 246 -21.01 26.99 8.23
C GLU B 246 -21.20 26.10 7.01
N MET B 247 -20.13 25.50 6.51
CA MET B 247 -20.16 24.78 5.25
C MET B 247 -20.47 23.30 5.40
N ALA B 248 -20.76 22.84 6.63
CA ALA B 248 -20.78 21.41 6.91
C ALA B 248 -21.77 20.68 6.00
N GLY B 249 -23.01 21.18 5.93
CA GLY B 249 -24.02 20.49 5.15
C GLY B 249 -23.69 20.39 3.67
N ALA B 250 -23.14 21.46 3.08
CA ALA B 250 -22.87 21.48 1.65
C ALA B 250 -21.80 20.47 1.23
N ILE B 251 -20.96 20.02 2.17
CA ILE B 251 -19.88 19.08 1.88
C ILE B 251 -19.97 17.81 2.71
N SER B 252 -21.08 17.60 3.41
CA SER B 252 -21.27 16.45 4.32
C SER B 252 -20.02 16.17 5.14
N THR B 253 -19.48 17.22 5.77
CA THR B 253 -18.28 17.11 6.60
C THR B 253 -18.62 17.59 8.00
N TRP B 254 -18.63 16.67 8.96
CA TRP B 254 -19.21 16.92 10.27
C TRP B 254 -18.17 17.07 11.37
N ARG B 255 -16.89 17.06 11.04
CA ARG B 255 -15.83 17.13 12.05
C ARG B 255 -14.53 17.53 11.35
N PRO B 256 -13.53 17.99 12.11
CA PRO B 256 -12.27 18.43 11.47
C PRO B 256 -11.62 17.32 10.66
N VAL B 257 -11.19 17.68 9.45
CA VAL B 257 -10.48 16.73 8.59
C VAL B 257 -8.97 16.78 8.79
N ALA B 258 -8.44 17.85 9.39
CA ALA B 258 -7.01 17.99 9.61
C ALA B 258 -6.80 18.98 10.74
N SER B 259 -5.53 19.16 11.12
CA SER B 259 -5.22 20.06 12.22
C SER B 259 -5.45 21.52 11.85
N GLY B 260 -5.20 21.88 10.59
CA GLY B 260 -5.37 23.26 10.14
C GLY B 260 -4.88 23.47 8.72
N ALA B 261 -5.35 24.53 8.07
CA ALA B 261 -5.06 24.72 6.65
C ALA B 261 -3.58 24.91 6.37
N ASP B 262 -2.84 25.54 7.28
CA ASP B 262 -1.47 25.87 6.95
C ASP B 262 -0.58 24.63 6.98
N GLU B 263 -0.86 23.67 7.86
CA GLU B 263 -0.13 22.41 7.84
C GLU B 263 -0.43 21.62 6.59
N VAL B 264 -1.69 21.68 6.11
CA VAL B 264 -2.05 21.01 4.88
C VAL B 264 -1.36 21.65 3.69
N LEU B 265 -1.26 22.99 3.69
CA LEU B 265 -0.55 23.69 2.63
C LEU B 265 0.93 23.36 2.63
N ASP B 266 1.56 23.31 3.81
CA ASP B 266 2.97 22.98 3.87
C ASP B 266 3.21 21.52 3.49
N LYS B 267 2.67 20.59 4.29
CA LYS B 267 2.98 19.17 4.10
C LYS B 267 2.31 18.60 2.85
N GLY B 268 1.09 19.02 2.54
CA GLY B 268 0.37 18.44 1.40
C GLY B 268 0.94 18.87 0.06
N LEU B 269 1.26 20.15 -0.10
CA LEU B 269 1.78 20.61 -1.38
C LEU B 269 3.20 20.11 -1.61
N ALA B 270 3.99 20.04 -0.54
CA ALA B 270 5.32 19.46 -0.65
C ALA B 270 5.24 17.99 -1.05
N PHE B 271 4.26 17.28 -0.50
CA PHE B 271 4.10 15.85 -0.77
C PHE B 271 3.78 15.60 -2.23
N LEU B 272 2.86 16.38 -2.78
CA LEU B 272 2.51 16.23 -4.19
C LEU B 272 3.70 16.54 -5.08
N ARG B 273 4.48 17.56 -4.73
CA ARG B 273 5.62 17.94 -5.55
C ARG B 273 6.73 16.88 -5.46
N ASP B 274 7.04 16.42 -4.25
CA ASP B 274 8.03 15.36 -4.05
C ASP B 274 7.62 14.07 -4.76
N LYS B 275 6.35 13.70 -4.65
CA LYS B 275 5.88 12.50 -5.34
C LYS B 275 5.87 12.70 -6.85
N ALA B 276 5.50 13.91 -7.31
CA ALA B 276 5.63 14.18 -8.75
C ALA B 276 7.08 14.02 -9.19
N SER B 277 8.01 14.50 -8.36
CA SER B 277 9.44 14.39 -8.63
C SER B 277 9.88 12.93 -8.67
N GLN B 278 9.44 12.11 -7.69
CA GLN B 278 9.83 10.70 -7.65
C GLN B 278 9.38 9.96 -8.90
N TYR B 279 8.23 10.32 -9.48
CA TYR B 279 7.72 9.66 -10.66
C TYR B 279 7.92 10.47 -11.94
N ARG B 280 8.73 11.51 -11.89
CA ARG B 280 9.07 12.33 -13.06
C ARG B 280 7.84 12.79 -13.84
N ILE B 281 6.79 13.15 -13.11
CA ILE B 281 5.66 13.80 -13.77
C ILE B 281 6.19 15.10 -14.38
N PHE B 282 5.79 15.38 -15.61
CA PHE B 282 6.27 16.55 -16.35
C PHE B 282 7.76 16.47 -16.68
N GLY B 283 8.39 15.30 -16.59
CA GLY B 283 9.81 15.22 -16.80
C GLY B 283 10.21 14.90 -18.23
N ASN B 284 9.33 15.15 -19.18
CA ASN B 284 9.60 14.84 -20.59
C ASN B 284 9.68 16.10 -21.45
N MET C 1 5.50 -13.42 -27.44
CA MET C 1 5.48 -14.02 -26.10
C MET C 1 4.48 -13.31 -25.21
N GLN C 2 3.45 -14.03 -24.76
CA GLN C 2 2.40 -13.40 -23.98
C GLN C 2 1.70 -14.44 -23.13
N GLY C 3 1.31 -14.05 -21.89
CA GLY C 3 0.45 -14.87 -21.07
C GLY C 3 1.04 -15.10 -19.69
N PHE C 4 0.53 -16.14 -19.03
CA PHE C 4 0.90 -16.50 -17.67
C PHE C 4 1.90 -17.64 -17.68
N GLY C 5 2.97 -17.50 -16.87
CA GLY C 5 3.98 -18.52 -16.80
C GLY C 5 4.24 -18.93 -15.37
N VAL C 6 4.92 -20.07 -15.22
CA VAL C 6 5.38 -20.52 -13.93
C VAL C 6 6.78 -21.07 -14.12
N HIS C 7 7.65 -20.81 -13.16
CA HIS C 7 9.04 -21.25 -13.25
C HIS C 7 9.14 -22.72 -12.81
N ALA C 8 9.84 -23.53 -13.59
CA ALA C 8 9.86 -24.97 -13.33
C ALA C 8 10.42 -25.30 -11.94
N MET C 9 11.18 -24.38 -11.33
CA MET C 9 11.60 -24.53 -9.95
C MET C 9 10.44 -24.80 -9.00
N MET C 10 9.20 -24.52 -9.42
CA MET C 10 8.04 -24.88 -8.60
C MET C 10 7.92 -26.38 -8.43
N TRP C 11 8.59 -27.16 -9.29
CA TRP C 11 8.63 -28.61 -9.20
C TRP C 11 10.05 -29.15 -9.03
N SER C 12 11.04 -28.56 -9.72
CA SER C 12 12.46 -28.82 -9.50
C SER C 12 13.27 -28.03 -10.51
N LEU C 13 14.57 -27.89 -10.24
CA LEU C 13 15.52 -27.40 -11.23
C LEU C 13 16.31 -28.50 -11.92
N ASN C 14 16.22 -29.75 -11.45
CA ASN C 14 16.71 -30.87 -12.25
C ASN C 14 15.82 -31.07 -13.46
N TRP C 15 16.43 -31.26 -14.62
CA TRP C 15 15.66 -31.42 -15.85
C TRP C 15 15.93 -32.78 -16.49
N ASP C 16 15.99 -33.82 -15.66
CA ASP C 16 15.99 -35.19 -16.17
C ASP C 16 14.63 -35.52 -16.77
N HIS C 17 14.48 -36.74 -17.25
CA HIS C 17 13.28 -37.09 -18.01
C HIS C 17 12.03 -37.00 -17.15
N GLU C 18 12.11 -37.50 -15.91
CA GLU C 18 10.93 -37.52 -15.04
C GLU C 18 10.64 -36.14 -14.44
N SER C 19 11.68 -35.34 -14.20
CA SER C 19 11.48 -34.00 -13.66
C SER C 19 10.91 -33.05 -14.71
N ALA C 20 11.41 -33.13 -15.94
CA ALA C 20 10.77 -32.43 -17.05
C ALA C 20 9.31 -32.81 -17.18
N ARG C 21 9.01 -34.11 -17.06
CA ARG C 21 7.62 -34.55 -17.13
C ARG C 21 6.80 -33.92 -16.02
N ARG C 22 7.28 -34.03 -14.77
CA ARG C 22 6.56 -33.48 -13.62
C ARG C 22 6.32 -31.98 -13.78
N ALA C 23 7.35 -31.25 -14.19
CA ALA C 23 7.24 -29.79 -14.36
C ALA C 23 6.24 -29.43 -15.44
N ILE C 24 6.45 -29.92 -16.66
CA ILE C 24 5.60 -29.51 -17.78
C ILE C 24 4.16 -29.95 -17.54
N ALA C 25 3.98 -31.17 -17.03
CA ALA C 25 2.63 -31.60 -16.67
C ALA C 25 2.04 -30.69 -15.60
N GLY C 26 2.84 -30.34 -14.59
CA GLY C 26 2.37 -29.43 -13.56
C GLY C 26 1.89 -28.10 -14.11
N ALA C 27 2.70 -27.48 -14.97
CA ALA C 27 2.30 -26.17 -15.51
C ALA C 27 1.04 -26.27 -16.35
N ALA C 28 0.83 -27.41 -17.01
CA ALA C 28 -0.43 -27.60 -17.74
C ALA C 28 -1.60 -27.71 -16.77
N ASP C 29 -1.41 -28.47 -15.68
CA ASP C 29 -2.49 -28.66 -14.71
C ASP C 29 -2.96 -27.34 -14.12
N TYR C 30 -2.09 -26.32 -14.13
CA TYR C 30 -2.44 -25.00 -13.66
C TYR C 30 -2.78 -24.04 -14.80
N GLY C 31 -3.03 -24.55 -15.99
CA GLY C 31 -3.53 -23.72 -17.07
C GLY C 31 -2.60 -22.62 -17.52
N GLN C 32 -1.29 -22.81 -17.41
CA GLN C 32 -0.36 -21.76 -17.78
C GLN C 32 -0.14 -21.74 -19.29
N ASP C 33 0.18 -20.54 -19.80
CA ASP C 33 0.61 -20.44 -21.18
C ASP C 33 2.10 -20.76 -21.34
N PHE C 34 2.91 -20.55 -20.32
CA PHE C 34 4.35 -20.72 -20.41
C PHE C 34 4.85 -21.53 -19.22
N ILE C 35 5.96 -22.21 -19.44
CA ILE C 35 6.80 -22.74 -18.37
C ILE C 35 8.20 -22.20 -18.64
N GLU C 36 8.87 -21.74 -17.58
CA GLU C 36 10.22 -21.24 -17.71
C GLU C 36 11.19 -22.33 -17.29
N ILE C 37 12.02 -22.78 -18.22
CA ILE C 37 12.86 -23.96 -18.05
C ILE C 37 14.28 -23.49 -17.73
N PRO C 38 14.82 -23.78 -16.55
CA PRO C 38 16.20 -23.38 -16.25
C PRO C 38 17.21 -24.29 -16.91
N LEU C 39 18.30 -23.70 -17.36
CA LEU C 39 19.40 -24.41 -18.00
C LEU C 39 20.61 -24.28 -17.09
N VAL C 40 20.95 -25.36 -16.37
CA VAL C 40 22.16 -25.37 -15.56
C VAL C 40 23.16 -26.43 -16.02
N ASP C 41 22.71 -27.68 -16.13
CA ASP C 41 23.57 -28.76 -16.61
C ASP C 41 23.16 -29.01 -18.06
N LEU C 42 23.92 -28.43 -19.00
CA LEU C 42 23.52 -28.48 -20.40
C LEU C 42 23.49 -29.90 -20.96
N PRO C 43 24.53 -30.74 -20.79
CA PRO C 43 24.47 -32.09 -21.35
C PRO C 43 23.39 -32.98 -20.75
N SER C 44 22.77 -32.60 -19.65
CA SER C 44 21.78 -33.46 -19.03
C SER C 44 20.37 -33.29 -19.61
N VAL C 45 20.15 -32.37 -20.56
CA VAL C 45 18.81 -32.05 -21.03
C VAL C 45 18.55 -32.77 -22.36
N ASP C 46 17.46 -33.54 -22.42
CA ASP C 46 16.96 -34.12 -23.65
C ASP C 46 16.06 -33.09 -24.34
N THR C 47 16.61 -32.38 -25.31
CA THR C 47 15.79 -31.41 -25.98
C THR C 47 14.62 -32.09 -26.70
N ALA C 48 14.88 -33.20 -27.40
CA ALA C 48 13.79 -33.91 -28.08
C ALA C 48 12.70 -34.32 -27.11
N HIS C 49 13.08 -34.82 -25.94
CA HIS C 49 12.09 -35.22 -24.95
C HIS C 49 11.27 -34.02 -24.47
N THR C 50 11.93 -32.89 -24.23
CA THR C 50 11.24 -31.71 -23.72
C THR C 50 10.32 -31.12 -24.76
N ARG C 51 10.84 -30.86 -25.96
CA ARG C 51 9.99 -30.37 -27.05
C ARG C 51 8.73 -31.20 -27.17
N ALA C 52 8.88 -32.52 -27.05
CA ALA C 52 7.73 -33.42 -27.11
C ALA C 52 6.73 -33.14 -26.01
N LEU C 53 7.21 -33.06 -24.76
CA LEU C 53 6.31 -32.83 -23.64
C LEU C 53 5.63 -31.48 -23.76
N LEU C 54 6.38 -30.46 -24.17
CA LEU C 54 5.79 -29.14 -24.42
C LEU C 54 4.66 -29.23 -25.42
N GLU C 55 4.93 -29.82 -26.59
CA GLU C 55 3.92 -29.85 -27.64
C GLU C 55 2.76 -30.76 -27.23
N LYS C 56 3.02 -31.78 -26.41
CA LYS C 56 1.94 -32.66 -25.97
C LYS C 56 0.94 -31.91 -25.08
N TYR C 57 1.44 -31.19 -24.07
CA TYR C 57 0.57 -30.44 -23.16
C TYR C 57 0.23 -29.06 -23.69
N GLY C 58 0.64 -28.72 -24.92
CA GLY C 58 0.38 -27.42 -25.50
C GLY C 58 0.89 -26.27 -24.63
N LEU C 59 2.15 -26.38 -24.18
CA LEU C 59 2.80 -25.39 -23.33
C LEU C 59 3.90 -24.68 -24.11
N ARG C 60 3.93 -23.35 -24.03
CA ARG C 60 5.05 -22.58 -24.54
C ARG C 60 6.15 -22.49 -23.48
N ALA C 61 7.38 -22.25 -23.93
CA ALA C 61 8.50 -22.21 -22.99
C ALA C 61 9.41 -21.03 -23.30
N ALA C 62 9.99 -20.51 -22.23
CA ALA C 62 11.18 -19.68 -22.30
C ALA C 62 12.22 -20.37 -21.44
N CYS C 63 13.48 -20.28 -21.84
CA CYS C 63 14.58 -20.79 -21.04
C CYS C 63 15.20 -19.66 -20.27
N SER C 64 15.78 -19.98 -19.12
CA SER C 64 16.52 -19.00 -18.36
C SER C 64 17.77 -19.64 -17.78
N LEU C 65 18.76 -18.81 -17.48
CA LEU C 65 19.94 -19.30 -16.79
C LEU C 65 20.52 -18.16 -15.97
N VAL C 66 21.53 -18.54 -15.18
CA VAL C 66 22.51 -17.63 -14.61
C VAL C 66 23.86 -18.11 -15.11
N LEU C 67 24.72 -17.18 -15.52
CA LEU C 67 26.02 -17.57 -16.04
C LEU C 67 26.86 -18.19 -14.93
N PRO C 68 27.44 -19.37 -15.16
CA PRO C 68 28.43 -19.89 -14.21
C PRO C 68 29.66 -18.97 -14.19
N GLU C 69 30.37 -18.99 -13.05
CA GLU C 69 31.43 -18.03 -12.83
C GLU C 69 32.55 -18.10 -13.87
N PRO C 70 32.98 -19.27 -14.36
CA PRO C 70 34.01 -19.25 -15.42
C PRO C 70 33.59 -18.48 -16.66
N ALA C 71 32.28 -18.21 -16.83
CA ALA C 71 31.76 -17.54 -18.03
C ALA C 71 31.10 -16.19 -17.73
N TRP C 72 31.43 -15.53 -16.63
CA TRP C 72 30.85 -14.21 -16.35
C TRP C 72 31.31 -13.20 -17.40
N ALA C 73 30.33 -12.68 -18.15
CA ALA C 73 30.62 -11.81 -19.29
C ALA C 73 31.40 -10.56 -18.89
N SER C 74 31.32 -10.12 -17.63
CA SER C 74 31.97 -8.88 -17.27
C SER C 74 33.48 -8.99 -17.39
N VAL C 75 34.03 -10.20 -17.17
CA VAL C 75 35.46 -10.41 -17.12
C VAL C 75 35.91 -11.39 -18.19
N ARG C 76 35.05 -12.33 -18.55
CA ARG C 76 35.39 -13.40 -19.49
C ARG C 76 34.38 -13.42 -20.63
N PRO C 77 34.41 -12.40 -21.48
CA PRO C 77 33.33 -12.27 -22.47
C PRO C 77 33.32 -13.37 -23.52
N GLU C 78 34.50 -13.88 -23.94
CA GLU C 78 34.50 -14.96 -24.92
C GLU C 78 33.88 -16.23 -24.34
N ALA C 79 34.18 -16.52 -23.07
CA ALA C 79 33.56 -17.66 -22.41
C ALA C 79 32.05 -17.46 -22.27
N ALA C 80 31.62 -16.22 -22.09
CA ALA C 80 30.20 -15.93 -21.98
C ALA C 80 29.49 -16.26 -23.29
N VAL C 81 30.05 -15.79 -24.41
CA VAL C 81 29.43 -16.06 -25.71
C VAL C 81 29.35 -17.55 -25.96
N ALA C 82 30.48 -18.25 -25.78
CA ALA C 82 30.49 -19.70 -25.87
C ALA C 82 29.34 -20.30 -25.05
N HIS C 83 29.24 -19.92 -23.78
CA HIS C 83 28.22 -20.54 -22.94
C HIS C 83 26.81 -20.13 -23.36
N LEU C 84 26.60 -18.85 -23.69
CA LEU C 84 25.26 -18.39 -24.05
C LEU C 84 24.77 -19.07 -25.33
N ASN C 85 25.62 -19.13 -26.36
CA ASN C 85 25.21 -19.77 -27.61
C ASN C 85 24.89 -21.24 -27.39
N ALA C 86 25.66 -21.92 -26.53
CA ALA C 86 25.35 -23.30 -26.18
C ALA C 86 23.94 -23.42 -25.59
N ALA C 87 23.61 -22.57 -24.60
CA ALA C 87 22.27 -22.56 -24.05
C ALA C 87 21.24 -22.19 -25.11
N LEU C 88 21.57 -21.24 -25.98
CA LEU C 88 20.64 -20.83 -27.04
C LEU C 88 20.33 -21.98 -27.98
N ASP C 89 21.36 -22.73 -28.39
CA ASP C 89 21.15 -23.92 -29.22
C ASP C 89 20.20 -24.89 -28.53
N LYS C 90 20.45 -25.18 -27.25
CA LYS C 90 19.57 -26.05 -26.48
C LYS C 90 18.15 -25.48 -26.41
N ALA C 91 18.03 -24.16 -26.19
CA ALA C 91 16.72 -23.55 -26.05
C ALA C 91 15.91 -23.70 -27.34
N ALA C 92 16.53 -23.39 -28.49
CA ALA C 92 15.84 -23.48 -29.77
C ALA C 92 15.44 -24.91 -30.09
N GLU C 93 16.30 -25.88 -29.79
CA GLU C 93 15.96 -27.29 -29.93
C GLU C 93 14.74 -27.65 -29.09
N MET C 94 14.68 -27.12 -27.87
CA MET C 94 13.55 -27.43 -26.99
C MET C 94 12.23 -26.92 -27.56
N GLY C 95 12.26 -25.91 -28.41
CA GLY C 95 11.07 -25.20 -28.82
C GLY C 95 10.81 -23.93 -28.04
N ALA C 96 11.68 -23.60 -27.08
CA ALA C 96 11.57 -22.35 -26.34
C ALA C 96 11.69 -21.17 -27.29
N GLU C 97 11.11 -20.04 -26.88
CA GLU C 97 11.04 -18.86 -27.72
C GLU C 97 12.02 -17.77 -27.28
N ALA C 98 12.77 -17.97 -26.20
CA ALA C 98 13.66 -16.94 -25.68
C ALA C 98 14.59 -17.56 -24.65
N LEU C 99 15.75 -16.92 -24.46
CA LEU C 99 16.65 -17.19 -23.36
C LEU C 99 16.71 -15.93 -22.51
N THR C 100 16.40 -16.05 -21.22
CA THR C 100 16.34 -14.87 -20.35
C THR C 100 16.97 -15.23 -19.00
N GLY C 101 16.90 -14.31 -18.05
CA GLY C 101 17.52 -14.48 -16.75
C GLY C 101 18.77 -13.62 -16.60
N VAL C 102 19.70 -14.08 -15.78
CA VAL C 102 20.95 -13.37 -15.50
C VAL C 102 21.96 -13.82 -16.55
N THR C 103 21.72 -13.44 -17.80
CA THR C 103 22.44 -13.86 -19.00
C THR C 103 23.73 -13.07 -19.22
N TYR C 104 24.10 -12.22 -18.27
CA TYR C 104 25.22 -11.30 -18.38
C TYR C 104 26.17 -11.46 -17.20
N GLY C 105 25.89 -12.36 -16.25
CA GLY C 105 26.66 -12.42 -15.03
C GLY C 105 26.10 -13.47 -14.08
N GLY C 106 26.60 -13.44 -12.84
CA GLY C 106 26.17 -14.37 -11.82
C GLY C 106 25.21 -13.74 -10.81
N THR C 107 24.72 -14.60 -9.91
CA THR C 107 23.93 -14.20 -8.76
C THR C 107 24.75 -14.21 -7.48
N SER C 108 26.06 -14.45 -7.58
CA SER C 108 26.98 -14.21 -6.48
C SER C 108 28.15 -13.40 -6.99
N GLU C 109 27.91 -12.60 -8.02
CA GLU C 109 28.97 -11.87 -8.71
C GLU C 109 29.17 -10.52 -8.04
N ARG C 110 30.43 -10.22 -7.77
CA ARG C 110 30.78 -9.11 -6.91
C ARG C 110 32.24 -8.74 -7.14
N THR C 111 32.47 -7.50 -7.50
CA THR C 111 33.82 -7.01 -7.64
C THR C 111 34.31 -6.23 -6.42
N GLY C 112 33.39 -5.81 -5.53
CA GLY C 112 33.74 -4.93 -4.43
C GLY C 112 33.61 -3.46 -4.76
N PHE C 113 33.37 -3.12 -6.02
CA PHE C 113 33.34 -1.75 -6.50
C PHE C 113 32.14 -1.56 -7.41
N PRO C 114 31.73 -0.31 -7.63
CA PRO C 114 30.63 -0.06 -8.56
C PRO C 114 31.02 -0.46 -9.97
N PRO C 115 30.04 -0.74 -10.83
CA PRO C 115 30.35 -1.26 -12.18
C PRO C 115 31.18 -0.26 -12.96
N THR C 116 32.11 -0.78 -13.76
CA THR C 116 33.02 0.04 -14.55
C THR C 116 32.61 0.04 -16.01
N GLN C 117 33.07 1.07 -16.72
CA GLN C 117 32.87 1.16 -18.15
C GLN C 117 33.46 -0.05 -18.85
N ALA C 118 34.63 -0.50 -18.41
CA ALA C 118 35.27 -1.66 -19.03
C ALA C 118 34.40 -2.90 -18.90
N GLU C 119 33.79 -3.10 -17.72
CA GLU C 119 32.87 -4.22 -17.56
C GLU C 119 31.67 -4.11 -18.50
N TYR C 120 31.11 -2.91 -18.64
CA TYR C 120 29.96 -2.72 -19.54
C TYR C 120 30.36 -2.89 -21.00
N ASP C 121 31.58 -2.49 -21.38
CA ASP C 121 32.08 -2.81 -22.71
C ASP C 121 32.14 -4.31 -22.92
N ASN C 122 32.59 -5.05 -21.90
CA ASN C 122 32.63 -6.50 -22.02
C ASN C 122 31.23 -7.08 -22.16
N LEU C 123 30.27 -6.59 -21.35
CA LEU C 123 28.89 -7.07 -21.44
C LEU C 123 28.32 -6.81 -22.82
N THR C 124 28.48 -5.57 -23.31
CA THR C 124 27.93 -5.21 -24.61
C THR C 124 28.46 -6.12 -25.70
N ARG C 125 29.77 -6.36 -25.70
CA ARG C 125 30.36 -7.20 -26.74
C ARG C 125 29.78 -8.62 -26.72
N ALA C 126 29.76 -9.24 -25.53
CA ALA C 126 29.34 -10.64 -25.45
C ALA C 126 27.85 -10.79 -25.72
N LEU C 127 27.05 -9.86 -25.20
CA LEU C 127 25.60 -9.92 -25.39
C LEU C 127 25.21 -9.60 -26.82
N SER C 128 25.88 -8.64 -27.47
CA SER C 128 25.55 -8.37 -28.88
C SER C 128 25.85 -9.58 -29.74
N GLN C 129 26.96 -10.26 -29.48
CA GLN C 129 27.25 -11.48 -30.21
C GLN C 129 26.19 -12.53 -29.96
N SER C 130 25.94 -12.85 -28.67
CA SER C 130 25.05 -13.97 -28.40
C SER C 130 23.60 -13.66 -28.76
N ALA C 131 23.19 -12.39 -28.68
CA ALA C 131 21.87 -12.02 -29.19
C ALA C 131 21.82 -12.22 -30.70
N GLY C 132 22.90 -11.87 -31.39
CA GLY C 132 22.98 -12.17 -32.81
C GLY C 132 22.78 -13.64 -33.11
N HIS C 133 23.41 -14.51 -32.31
CA HIS C 133 23.21 -15.94 -32.47
C HIS C 133 21.77 -16.34 -32.16
N ALA C 134 21.15 -15.69 -31.17
CA ALA C 134 19.76 -15.99 -30.85
C ALA C 134 18.85 -15.66 -32.03
N LYS C 135 19.08 -14.53 -32.68
CA LYS C 135 18.25 -14.13 -33.82
C LYS C 135 18.28 -15.18 -34.92
N THR C 136 19.47 -15.67 -35.28
CA THR C 136 19.52 -16.74 -36.28
C THR C 136 18.74 -17.96 -35.85
N LEU C 137 18.53 -18.17 -34.55
CA LEU C 137 17.73 -19.31 -34.10
C LEU C 137 16.25 -18.99 -34.00
N GLY C 138 15.84 -17.75 -34.30
CA GLY C 138 14.48 -17.35 -34.07
C GLY C 138 14.13 -17.09 -32.62
N LEU C 139 15.11 -16.85 -31.76
CA LEU C 139 14.87 -16.60 -30.34
C LEU C 139 15.06 -15.13 -30.01
N GLN C 140 14.34 -14.69 -28.98
CA GLN C 140 14.65 -13.44 -28.33
C GLN C 140 15.56 -13.71 -27.13
N PHE C 141 16.18 -12.64 -26.65
CA PHE C 141 17.23 -12.70 -25.64
C PHE C 141 16.86 -11.72 -24.53
N GLY C 142 16.73 -12.22 -23.30
CA GLY C 142 16.30 -11.40 -22.18
C GLY C 142 17.42 -11.10 -21.21
N ILE C 143 17.32 -9.94 -20.56
CA ILE C 143 18.26 -9.48 -19.54
C ILE C 143 17.46 -9.17 -18.27
N GLU C 144 17.68 -9.95 -17.20
CA GLU C 144 16.95 -9.80 -15.93
C GLU C 144 17.79 -9.00 -14.93
N ALA C 145 17.24 -7.87 -14.48
CA ALA C 145 17.87 -7.09 -13.43
C ALA C 145 17.68 -7.76 -12.07
N VAL C 146 18.74 -7.83 -11.26
CA VAL C 146 18.67 -8.48 -9.96
C VAL C 146 19.25 -7.53 -8.91
N ASN C 147 19.05 -7.86 -7.64
CA ASN C 147 19.36 -6.86 -6.62
C ASN C 147 20.88 -6.74 -6.41
N ARG C 148 21.26 -5.66 -5.70
CA ARG C 148 22.66 -5.33 -5.43
C ARG C 148 23.47 -6.43 -4.78
N TYR C 149 22.82 -7.43 -4.15
CA TYR C 149 23.55 -8.48 -3.44
C TYR C 149 23.88 -9.67 -4.32
N GLU C 150 23.25 -9.79 -5.48
CA GLU C 150 23.55 -10.88 -6.39
C GLU C 150 24.47 -10.46 -7.52
N ASN C 151 24.52 -9.17 -7.83
CA ASN C 151 25.18 -8.67 -9.02
C ASN C 151 25.35 -7.17 -8.87
N HIS C 152 26.46 -6.63 -9.38
CA HIS C 152 26.71 -5.21 -9.26
C HIS C 152 26.54 -4.47 -10.58
N LEU C 153 26.10 -5.17 -11.64
CA LEU C 153 26.11 -4.66 -13.00
C LEU C 153 24.73 -4.23 -13.51
N VAL C 154 23.69 -5.03 -13.30
CA VAL C 154 22.33 -4.71 -13.78
C VAL C 154 21.40 -4.89 -12.60
N ASN C 155 21.11 -3.80 -11.90
CA ASN C 155 20.24 -3.85 -10.73
C ASN C 155 18.90 -3.15 -10.94
N SER C 156 18.92 -1.98 -11.57
CA SER C 156 17.71 -1.22 -11.83
C SER C 156 17.22 -1.42 -13.26
N ALA C 157 15.92 -1.18 -13.46
CA ALA C 157 15.39 -1.17 -14.82
C ALA C 157 16.16 -0.20 -15.71
N GLU C 158 16.56 0.95 -15.16
CA GLU C 158 17.24 1.97 -15.95
C GLU C 158 18.57 1.46 -16.48
N GLN C 159 19.32 0.72 -15.66
CA GLN C 159 20.56 0.12 -16.14
C GLN C 159 20.29 -0.92 -17.21
N ALA C 160 19.24 -1.74 -17.04
CA ALA C 160 18.95 -2.75 -18.05
C ALA C 160 18.59 -2.10 -19.39
N VAL C 161 17.80 -1.03 -19.34
CA VAL C 161 17.44 -0.31 -20.57
C VAL C 161 18.68 0.29 -21.23
N ALA C 162 19.53 0.93 -20.44
CA ALA C 162 20.77 1.51 -20.98
C ALA C 162 21.61 0.47 -21.67
N LEU C 163 21.74 -0.72 -21.06
CA LEU C 163 22.52 -1.79 -21.69
C LEU C 163 21.87 -2.25 -22.98
N VAL C 164 20.56 -2.55 -22.93
CA VAL C 164 19.83 -2.99 -24.11
C VAL C 164 20.02 -2.02 -25.26
N GLU C 165 19.94 -0.72 -24.96
CA GLU C 165 20.04 0.29 -26.02
C GLU C 165 21.45 0.35 -26.58
N ARG C 166 22.47 0.11 -25.75
CA ARG C 166 23.85 0.15 -26.24
C ARG C 166 24.17 -1.05 -27.12
N ILE C 167 23.51 -2.18 -26.90
CA ILE C 167 23.72 -3.32 -27.79
C ILE C 167 23.03 -3.08 -29.13
N GLY C 168 21.86 -2.44 -29.13
CA GLY C 168 21.21 -2.08 -30.36
C GLY C 168 20.63 -3.24 -31.16
N ALA C 169 20.39 -4.38 -30.53
CA ALA C 169 19.80 -5.51 -31.23
C ALA C 169 18.28 -5.41 -31.27
N ASP C 170 17.67 -6.19 -32.17
CA ASP C 170 16.23 -6.20 -32.36
C ASP C 170 15.52 -7.08 -31.35
N ASN C 171 16.18 -8.12 -30.88
CA ASN C 171 15.56 -9.23 -30.18
C ASN C 171 16.00 -9.31 -28.72
N ILE C 172 16.42 -8.19 -28.15
CA ILE C 172 16.78 -8.12 -26.74
C ILE C 172 15.68 -7.39 -25.98
N PHE C 173 15.17 -8.01 -24.94
CA PHE C 173 14.14 -7.39 -24.10
C PHE C 173 14.63 -7.30 -22.66
N VAL C 174 14.01 -6.38 -21.91
CA VAL C 174 14.27 -6.24 -20.49
C VAL C 174 13.29 -7.14 -19.75
N HIS C 175 13.78 -7.72 -18.68
CA HIS C 175 13.06 -8.72 -17.90
C HIS C 175 13.22 -8.29 -16.45
N LEU C 176 12.10 -8.05 -15.77
CA LEU C 176 12.17 -7.58 -14.39
C LEU C 176 11.57 -8.61 -13.44
N ASP C 177 11.87 -8.43 -12.16
CA ASP C 177 11.55 -9.38 -11.10
C ASP C 177 11.14 -8.54 -9.89
N THR C 178 9.86 -8.62 -9.51
CA THR C 178 9.32 -7.82 -8.40
C THR C 178 10.06 -8.05 -7.09
N PHE C 179 10.59 -9.26 -6.88
CA PHE C 179 11.40 -9.52 -5.69
C PHE C 179 12.64 -8.63 -5.68
N HIS C 180 13.34 -8.50 -6.81
CA HIS C 180 14.52 -7.64 -6.88
C HIS C 180 14.13 -6.17 -6.93
N MET C 181 13.07 -5.86 -7.68
CA MET C 181 12.60 -4.48 -7.78
C MET C 181 12.18 -3.93 -6.43
N ASN C 182 11.65 -4.79 -5.55
CA ASN C 182 11.17 -4.31 -4.25
C ASN C 182 12.31 -3.69 -3.44
N MET C 183 13.56 -4.05 -3.74
CA MET C 183 14.73 -3.40 -3.16
C MET C 183 15.30 -2.30 -4.04
N GLU C 184 15.42 -2.55 -5.35
CA GLU C 184 16.19 -1.69 -6.25
C GLU C 184 15.40 -0.49 -6.78
N GLU C 185 14.09 -0.59 -6.97
CA GLU C 185 13.35 0.50 -7.60
C GLU C 185 12.79 1.48 -6.55
N LYS C 186 12.95 2.78 -6.83
CA LYS C 186 12.48 3.86 -5.95
C LYS C 186 11.00 4.07 -6.22
N GLY C 187 10.19 3.18 -5.64
CA GLY C 187 8.82 3.00 -6.06
C GLY C 187 8.84 1.96 -7.14
N ILE C 188 8.30 0.78 -6.85
CA ILE C 188 8.53 -0.38 -7.71
C ILE C 188 8.03 -0.13 -9.13
N ALA C 189 6.90 0.59 -9.26
CA ALA C 189 6.33 0.85 -10.58
C ALA C 189 7.26 1.68 -11.45
N ASN C 190 8.18 2.45 -10.85
CA ASN C 190 9.15 3.21 -11.64
C ASN C 190 10.02 2.31 -12.50
N GLY C 191 10.25 1.07 -12.05
CA GLY C 191 11.05 0.15 -12.86
C GLY C 191 10.32 -0.26 -14.12
N ILE C 192 9.04 -0.64 -13.97
CA ILE C 192 8.19 -0.96 -15.12
C ILE C 192 8.09 0.24 -16.05
N ILE C 193 7.87 1.43 -15.49
CA ILE C 193 7.74 2.62 -16.32
C ILE C 193 9.03 2.86 -17.12
N ALA C 194 10.18 2.79 -16.45
CA ALA C 194 11.43 3.08 -17.16
C ALA C 194 11.71 2.06 -18.25
N ALA C 195 11.30 0.81 -18.05
CA ALA C 195 11.58 -0.24 -19.01
C ALA C 195 10.49 -0.39 -20.07
N HIS C 196 9.57 0.57 -20.17
CA HIS C 196 8.34 0.36 -20.94
C HIS C 196 8.62 -0.16 -22.35
N ASP C 197 9.51 0.51 -23.11
CA ASP C 197 9.81 0.11 -24.49
C ASP C 197 10.21 -1.36 -24.61
N TYR C 198 10.92 -1.87 -23.62
CA TYR C 198 11.61 -3.14 -23.75
C TYR C 198 11.09 -4.24 -22.84
N LEU C 199 10.19 -3.94 -21.92
CA LEU C 199 9.74 -4.91 -20.92
C LEU C 199 8.83 -5.94 -21.58
N LYS C 200 9.33 -7.17 -21.74
CA LYS C 200 8.52 -8.24 -22.31
C LYS C 200 8.36 -9.44 -21.38
N TYR C 201 8.87 -9.37 -20.15
CA TYR C 201 8.92 -10.56 -19.32
C TYR C 201 9.03 -10.15 -17.86
N MET C 202 8.20 -10.73 -17.00
CA MET C 202 8.22 -10.40 -15.58
C MET C 202 8.41 -11.67 -14.77
N HIS C 203 9.24 -11.59 -13.72
CA HIS C 203 9.12 -12.54 -12.64
C HIS C 203 8.18 -11.93 -11.61
N MET C 204 7.01 -12.55 -11.44
CA MET C 204 6.06 -12.10 -10.42
C MET C 204 6.41 -12.87 -9.17
N SER C 205 7.09 -12.19 -8.25
CA SER C 205 7.72 -12.84 -7.12
C SER C 205 7.50 -12.05 -5.84
N GLU C 206 7.01 -12.71 -4.80
CA GLU C 206 6.79 -12.04 -3.52
C GLU C 206 8.11 -11.61 -2.88
N SER C 207 8.00 -10.61 -2.01
CA SER C 207 9.16 -9.96 -1.39
C SER C 207 10.05 -10.92 -0.61
N ASP C 208 9.51 -12.06 -0.17
CA ASP C 208 10.27 -13.08 0.56
C ASP C 208 10.42 -14.37 -0.24
N ARG C 209 10.17 -14.30 -1.56
CA ARG C 209 10.18 -15.45 -2.46
C ARG C 209 9.11 -16.48 -2.11
N GLY C 210 8.10 -16.08 -1.32
CA GLY C 210 7.02 -16.97 -0.94
C GLY C 210 5.85 -16.99 -1.90
N THR C 211 4.69 -16.47 -1.46
CA THR C 211 3.44 -16.51 -2.23
C THR C 211 3.03 -15.11 -2.65
N PRO C 212 2.92 -14.82 -3.95
CA PRO C 212 2.46 -13.49 -4.39
C PRO C 212 1.10 -13.11 -3.79
N GLY C 213 1.01 -11.87 -3.30
CA GLY C 213 -0.15 -11.38 -2.59
C GLY C 213 -0.06 -11.50 -1.08
N PHE C 214 1.04 -12.04 -0.55
CA PHE C 214 1.21 -12.29 0.88
C PHE C 214 2.62 -11.92 1.29
N GLY C 215 2.96 -10.66 1.05
CA GLY C 215 4.24 -10.12 1.48
C GLY C 215 4.23 -8.62 1.36
N ASN C 216 5.30 -8.05 0.83
CA ASN C 216 5.48 -6.60 0.83
C ASN C 216 5.47 -5.97 -0.56
N VAL C 217 5.55 -6.77 -1.64
CA VAL C 217 5.46 -6.23 -2.99
C VAL C 217 4.12 -5.51 -3.17
N ALA C 218 4.19 -4.26 -3.64
CA ALA C 218 3.02 -3.41 -3.85
C ALA C 218 2.35 -3.80 -5.17
N TRP C 219 1.56 -4.87 -5.11
CA TRP C 219 1.04 -5.47 -6.34
C TRP C 219 0.12 -4.54 -7.13
N ASP C 220 -0.61 -3.64 -6.45
CA ASP C 220 -1.47 -2.72 -7.21
C ASP C 220 -0.63 -1.71 -7.98
N ALA C 221 0.52 -1.31 -7.44
CA ALA C 221 1.39 -0.40 -8.17
C ALA C 221 2.05 -1.13 -9.35
N VAL C 222 2.39 -2.40 -9.16
CA VAL C 222 3.00 -3.21 -10.22
C VAL C 222 2.02 -3.33 -11.38
N PHE C 223 0.82 -3.83 -11.09
CA PHE C 223 -0.17 -4.10 -12.13
C PHE C 223 -0.64 -2.82 -12.80
N ALA C 224 -0.82 -1.75 -12.01
CA ALA C 224 -1.17 -0.46 -12.60
C ALA C 224 -0.14 -0.05 -13.65
N ALA C 225 1.15 -0.13 -13.29
CA ALA C 225 2.17 0.24 -14.25
C ALA C 225 2.13 -0.67 -15.47
N LEU C 226 2.05 -1.98 -15.24
CA LEU C 226 2.00 -2.92 -16.36
C LEU C 226 0.82 -2.61 -17.28
N ALA C 227 -0.36 -2.34 -16.71
CA ALA C 227 -1.52 -1.98 -17.52
C ALA C 227 -1.32 -0.64 -18.22
N ALA C 228 -0.83 0.37 -17.48
CA ALA C 228 -0.75 1.71 -18.06
C ALA C 228 0.25 1.80 -19.20
N ILE C 229 1.36 1.05 -19.18
CA ILE C 229 2.30 1.09 -20.31
C ILE C 229 1.94 0.11 -21.40
N GLY C 230 0.84 -0.63 -21.25
CA GLY C 230 0.42 -1.56 -22.28
C GLY C 230 1.24 -2.82 -22.38
N PHE C 231 1.76 -3.32 -21.25
CA PHE C 231 2.55 -4.54 -21.23
C PHE C 231 1.82 -5.67 -21.95
N LYS C 232 2.53 -6.38 -22.84
CA LYS C 232 1.90 -7.51 -23.52
C LYS C 232 2.78 -8.77 -23.51
N GLY C 233 3.68 -8.90 -22.54
CA GLY C 233 4.57 -10.07 -22.46
C GLY C 233 4.10 -11.13 -21.48
N VAL C 234 5.05 -11.76 -20.79
CA VAL C 234 4.80 -12.94 -19.97
C VAL C 234 4.91 -12.57 -18.49
N LEU C 235 3.94 -13.02 -17.68
CA LEU C 235 3.94 -12.88 -16.22
C LEU C 235 4.22 -14.26 -15.62
N THR C 236 5.45 -14.48 -15.20
CA THR C 236 5.89 -15.79 -14.74
C THR C 236 6.12 -15.76 -13.23
N LEU C 237 5.44 -16.65 -12.50
CA LEU C 237 5.61 -16.71 -11.05
C LEU C 237 6.95 -17.36 -10.70
N GLU C 238 7.65 -16.76 -9.75
CA GLU C 238 8.90 -17.30 -9.24
C GLU C 238 8.81 -17.37 -7.72
N SER C 239 9.06 -18.55 -7.16
CA SER C 239 8.96 -18.77 -5.73
C SER C 239 9.91 -19.90 -5.35
N PHE C 240 10.48 -19.83 -4.15
CA PHE C 240 11.41 -20.86 -3.69
C PHE C 240 10.73 -21.96 -2.86
N ALA C 241 9.40 -22.05 -2.93
CA ALA C 241 8.65 -22.92 -2.04
C ALA C 241 8.99 -24.39 -2.24
N ALA C 242 9.41 -24.79 -3.44
CA ALA C 242 9.73 -26.19 -3.71
C ALA C 242 11.22 -26.50 -3.58
N MET C 243 12.05 -25.49 -3.30
CA MET C 243 13.51 -25.67 -3.37
C MET C 243 13.99 -26.56 -2.23
N PRO C 244 14.86 -27.53 -2.50
CA PRO C 244 15.39 -28.39 -1.43
C PRO C 244 16.43 -27.66 -0.59
N GLU C 245 16.61 -28.15 0.65
CA GLU C 245 17.52 -27.49 1.57
C GLU C 245 18.97 -27.53 1.10
N GLU C 246 19.34 -28.45 0.21
CA GLU C 246 20.68 -28.43 -0.35
C GLU C 246 20.87 -27.34 -1.41
N MET C 247 19.81 -26.64 -1.80
CA MET C 247 19.94 -25.50 -2.70
C MET C 247 20.23 -24.19 -1.97
N ALA C 248 20.21 -24.20 -0.62
CA ALA C 248 20.25 -22.97 0.18
C ALA C 248 21.39 -22.04 -0.20
N GLY C 249 22.59 -22.59 -0.45
CA GLY C 249 23.74 -21.76 -0.73
C GLY C 249 23.63 -21.02 -2.05
N ALA C 250 23.08 -21.69 -3.07
CA ALA C 250 23.03 -21.09 -4.40
C ALA C 250 22.06 -19.91 -4.46
N ILE C 251 21.06 -19.89 -3.58
CA ILE C 251 19.97 -18.92 -3.57
C ILE C 251 19.91 -18.12 -2.27
N SER C 252 20.90 -18.31 -1.38
CA SER C 252 20.96 -17.61 -0.09
C SER C 252 19.60 -17.60 0.62
N THR C 253 18.94 -18.76 0.62
CA THR C 253 17.68 -18.94 1.34
C THR C 253 17.93 -19.95 2.46
N TRP C 254 17.87 -19.48 3.70
CA TRP C 254 18.28 -20.28 4.84
C TRP C 254 17.10 -20.88 5.61
N ARG C 255 15.87 -20.57 5.23
CA ARG C 255 14.68 -21.03 5.95
C ARG C 255 13.53 -21.09 4.96
N PRO C 256 12.48 -21.86 5.27
CA PRO C 256 11.38 -22.00 4.31
C PRO C 256 10.77 -20.66 3.96
N VAL C 257 10.37 -20.50 2.69
CA VAL C 257 9.73 -19.27 2.23
C VAL C 257 8.21 -19.35 2.28
N ALA C 258 7.65 -20.53 2.48
CA ALA C 258 6.20 -20.74 2.49
C ALA C 258 5.95 -22.15 3.01
N SER C 259 4.68 -22.49 3.17
CA SER C 259 4.37 -23.79 3.75
C SER C 259 4.50 -24.94 2.76
N GLY C 260 4.53 -24.66 1.45
CA GLY C 260 4.61 -25.70 0.45
C GLY C 260 4.35 -25.21 -0.96
N ALA C 261 4.93 -25.89 -1.95
CA ALA C 261 4.78 -25.46 -3.33
C ALA C 261 3.32 -25.52 -3.79
N ASP C 262 2.56 -26.47 -3.26
CA ASP C 262 1.19 -26.66 -3.74
C ASP C 262 0.30 -25.48 -3.36
N GLU C 263 0.44 -24.97 -2.15
CA GLU C 263 -0.37 -23.81 -1.80
C GLU C 263 0.15 -22.54 -2.47
N VAL C 264 1.47 -22.44 -2.69
CA VAL C 264 2.01 -21.31 -3.45
C VAL C 264 1.44 -21.32 -4.86
N LEU C 265 1.46 -22.49 -5.51
CA LEU C 265 0.87 -22.59 -6.85
C LEU C 265 -0.62 -22.27 -6.81
N ASP C 266 -1.34 -22.83 -5.84
CA ASP C 266 -2.79 -22.61 -5.76
C ASP C 266 -3.11 -21.14 -5.51
N LYS C 267 -2.54 -20.55 -4.47
CA LYS C 267 -2.87 -19.17 -4.10
C LYS C 267 -2.14 -18.15 -4.97
N GLY C 268 -0.87 -18.39 -5.31
CA GLY C 268 -0.13 -17.39 -6.07
C GLY C 268 -0.61 -17.24 -7.50
N LEU C 269 -0.78 -18.35 -8.19
CA LEU C 269 -1.26 -18.28 -9.57
C LEU C 269 -2.67 -17.70 -9.63
N ALA C 270 -3.51 -18.06 -8.66
CA ALA C 270 -4.85 -17.48 -8.59
C ALA C 270 -4.79 -15.98 -8.35
N PHE C 271 -3.93 -15.54 -7.44
CA PHE C 271 -3.77 -14.11 -7.16
C PHE C 271 -3.29 -13.36 -8.39
N LEU C 272 -2.33 -13.93 -9.13
CA LEU C 272 -1.81 -13.23 -10.29
C LEU C 272 -2.86 -13.14 -11.38
N ARG C 273 -3.62 -14.23 -11.58
CA ARG C 273 -4.68 -14.25 -12.59
C ARG C 273 -5.79 -13.28 -12.23
N ASP C 274 -6.19 -13.25 -10.96
CA ASP C 274 -7.23 -12.32 -10.53
C ASP C 274 -6.80 -10.87 -10.68
N LYS C 275 -5.56 -10.54 -10.31
CA LYS C 275 -5.07 -9.17 -10.45
C LYS C 275 -4.92 -8.80 -11.92
N ALA C 276 -4.48 -9.75 -12.75
CA ALA C 276 -4.36 -9.51 -14.18
C ALA C 276 -5.72 -9.21 -14.79
N SER C 277 -6.75 -9.91 -14.33
CA SER C 277 -8.10 -9.61 -14.79
C SER C 277 -8.58 -8.27 -14.23
N GLN C 278 -8.30 -7.99 -12.95
CA GLN C 278 -8.70 -6.70 -12.36
C GLN C 278 -8.12 -5.52 -13.14
N TYR C 279 -6.89 -5.64 -13.63
CA TYR C 279 -6.26 -4.51 -14.33
C TYR C 279 -6.29 -4.68 -15.85
N ARG C 280 -7.03 -5.68 -16.36
CA ARG C 280 -7.24 -5.87 -17.79
C ARG C 280 -5.90 -5.96 -18.54
N ILE C 281 -4.96 -6.70 -17.95
CA ILE C 281 -3.63 -6.86 -18.55
C ILE C 281 -3.73 -7.45 -19.96
N PHE C 282 -4.58 -8.45 -20.14
CA PHE C 282 -4.68 -9.05 -21.48
C PHE C 282 -6.12 -8.99 -22.05
N MET D 1 15.69 4.02 26.71
CA MET D 1 15.94 4.69 25.44
C MET D 1 14.68 4.90 24.65
N GLN D 2 14.29 6.15 24.47
CA GLN D 2 13.05 6.47 23.80
C GLN D 2 13.23 7.73 22.97
N GLY D 3 12.62 7.75 21.78
CA GLY D 3 12.50 8.97 21.00
C GLY D 3 13.02 8.79 19.60
N PHE D 4 13.40 9.91 18.99
CA PHE D 4 13.78 9.96 17.58
C PHE D 4 15.29 10.01 17.47
N GLY D 5 15.85 9.11 16.65
CA GLY D 5 17.27 9.00 16.47
C GLY D 5 17.66 9.15 15.00
N VAL D 6 18.96 9.36 14.79
CA VAL D 6 19.56 9.43 13.47
C VAL D 6 20.95 8.83 13.55
N HIS D 7 21.27 7.95 12.60
CA HIS D 7 22.60 7.34 12.56
C HIS D 7 23.64 8.38 12.11
N ALA D 8 24.82 8.32 12.74
CA ALA D 8 25.89 9.26 12.40
C ALA D 8 26.37 9.11 10.97
N MET D 9 26.05 8.00 10.29
CA MET D 9 26.40 7.82 8.90
C MET D 9 25.80 8.88 7.99
N MET D 10 24.82 9.65 8.46
CA MET D 10 24.33 10.78 7.67
C MET D 10 25.37 11.87 7.49
N TRP D 11 26.48 11.81 8.24
CA TRP D 11 27.58 12.77 8.11
C TRP D 11 28.92 12.08 7.84
N SER D 12 29.23 10.99 8.52
CA SER D 12 30.43 10.20 8.22
C SER D 12 30.43 8.95 9.09
N LEU D 13 31.09 7.90 8.60
CA LEU D 13 31.36 6.74 9.44
C LEU D 13 32.63 6.89 10.28
N ASN D 14 33.46 7.90 10.01
CA ASN D 14 34.62 8.19 10.84
C ASN D 14 34.20 8.95 12.10
N TRP D 15 34.75 8.53 13.24
CA TRP D 15 34.50 9.19 14.51
C TRP D 15 35.79 9.76 15.08
N ASP D 16 36.48 10.59 14.29
CA ASP D 16 37.57 11.41 14.82
C ASP D 16 36.94 12.62 15.52
N HIS D 17 37.75 13.59 15.91
CA HIS D 17 37.25 14.63 16.79
C HIS D 17 36.28 15.56 16.09
N GLU D 18 36.56 15.96 14.86
CA GLU D 18 35.69 16.92 14.21
C GLU D 18 34.52 16.26 13.49
N SER D 19 34.69 15.03 12.99
CA SER D 19 33.54 14.26 12.53
C SER D 19 32.52 14.09 13.64
N ALA D 20 32.99 13.86 14.87
CA ALA D 20 32.08 13.72 16.00
C ALA D 20 31.32 15.01 16.27
N ARG D 21 31.99 16.17 16.16
CA ARG D 21 31.28 17.41 16.45
C ARG D 21 30.27 17.73 15.35
N ARG D 22 30.62 17.51 14.09
CA ARG D 22 29.67 17.80 13.03
C ARG D 22 28.53 16.78 13.01
N ALA D 23 28.80 15.53 13.43
CA ALA D 23 27.72 14.56 13.55
C ALA D 23 26.80 14.89 14.75
N ILE D 24 27.40 15.18 15.91
CA ILE D 24 26.60 15.47 17.11
C ILE D 24 25.85 16.78 16.97
N ALA D 25 26.48 17.78 16.35
CA ALA D 25 25.81 19.05 16.15
C ALA D 25 24.71 18.92 15.12
N GLY D 26 24.95 18.16 14.04
CA GLY D 26 23.90 17.94 13.05
C GLY D 26 22.68 17.29 13.65
N ALA D 27 22.87 16.20 14.40
CA ALA D 27 21.75 15.53 15.04
C ALA D 27 21.07 16.44 16.04
N ALA D 28 21.85 17.21 16.79
CA ALA D 28 21.25 18.24 17.64
C ALA D 28 20.47 19.26 16.81
N ASP D 29 21.02 19.59 15.63
CA ASP D 29 20.42 20.60 14.78
C ASP D 29 19.05 20.16 14.24
N TYR D 30 18.85 18.86 14.04
CA TYR D 30 17.57 18.36 13.55
C TYR D 30 16.67 17.86 14.67
N GLY D 31 16.89 18.32 15.90
CA GLY D 31 15.97 18.03 16.99
C GLY D 31 15.90 16.58 17.43
N GLN D 32 16.92 15.79 17.13
CA GLN D 32 16.90 14.37 17.45
C GLN D 32 17.22 14.11 18.91
N ASP D 33 16.50 13.15 19.51
CA ASP D 33 16.78 12.73 20.88
C ASP D 33 18.06 11.91 20.97
N PHE D 34 18.35 11.12 19.93
CA PHE D 34 19.49 10.20 19.93
C PHE D 34 20.32 10.41 18.69
N ILE D 35 21.62 10.10 18.80
CA ILE D 35 22.48 9.81 17.66
C ILE D 35 23.00 8.39 17.84
N GLU D 36 23.09 7.65 16.73
CA GLU D 36 23.67 6.31 16.76
C GLU D 36 25.11 6.40 16.23
N ILE D 37 26.06 6.08 17.10
CA ILE D 37 27.49 6.27 16.84
C ILE D 37 28.09 4.92 16.48
N PRO D 38 28.62 4.76 15.27
CA PRO D 38 29.25 3.49 14.89
C PRO D 38 30.63 3.34 15.51
N LEU D 39 31.00 2.10 15.79
CA LEU D 39 32.31 1.70 16.30
C LEU D 39 32.95 0.78 15.26
N VAL D 40 33.79 1.33 14.40
CA VAL D 40 34.37 0.53 13.32
C VAL D 40 35.68 -0.10 13.78
N ASP D 41 36.63 0.71 14.23
CA ASP D 41 37.80 0.18 14.94
C ASP D 41 38.02 1.02 16.19
N LEU D 42 38.04 0.35 17.34
CA LEU D 42 37.85 0.94 18.67
C LEU D 42 38.97 1.88 19.10
N PRO D 43 40.25 1.61 18.80
CA PRO D 43 41.31 2.55 19.22
C PRO D 43 41.16 3.94 18.62
N SER D 44 40.45 4.07 17.49
CA SER D 44 40.25 5.34 16.81
C SER D 44 39.29 6.28 17.52
N VAL D 45 38.64 5.83 18.59
CA VAL D 45 37.50 6.53 19.18
C VAL D 45 37.93 7.22 20.46
N ASP D 46 37.75 8.54 20.51
CA ASP D 46 38.14 9.34 21.67
C ASP D 46 36.90 9.57 22.52
N THR D 47 36.70 8.69 23.50
CA THR D 47 35.46 8.69 24.25
C THR D 47 35.32 9.94 25.11
N ALA D 48 36.44 10.46 25.63
CA ALA D 48 36.38 11.69 26.42
C ALA D 48 35.84 12.84 25.58
N HIS D 49 36.29 12.93 24.33
CA HIS D 49 35.83 13.99 23.44
C HIS D 49 34.33 13.92 23.23
N THR D 50 33.79 12.70 23.04
CA THR D 50 32.40 12.56 22.61
C THR D 50 31.43 12.87 23.73
N ARG D 51 31.70 12.39 24.94
CA ARG D 51 30.79 12.67 26.06
C ARG D 51 30.62 14.16 26.25
N ALA D 52 31.70 14.93 26.06
CA ALA D 52 31.60 16.38 26.18
C ALA D 52 30.57 16.94 25.20
N LEU D 53 30.67 16.54 23.94
CA LEU D 53 29.78 17.07 22.91
C LEU D 53 28.34 16.63 23.14
N LEU D 54 28.13 15.37 23.52
CA LEU D 54 26.79 14.90 23.86
C LEU D 54 26.18 15.72 24.98
N GLU D 55 27.00 16.10 25.97
CA GLU D 55 26.50 16.98 27.03
C GLU D 55 26.17 18.35 26.48
N LYS D 56 27.08 18.92 25.68
CA LYS D 56 26.92 20.28 25.19
C LYS D 56 25.64 20.43 24.36
N TYR D 57 25.41 19.52 23.43
CA TYR D 57 24.29 19.63 22.51
C TYR D 57 23.03 18.93 22.99
N GLY D 58 23.00 18.46 24.24
CA GLY D 58 21.78 17.89 24.80
C GLY D 58 21.32 16.63 24.09
N LEU D 59 22.25 15.74 23.77
CA LEU D 59 22.01 14.63 22.86
C LEU D 59 22.41 13.32 23.49
N ARG D 60 21.48 12.36 23.53
CA ARG D 60 21.80 11.03 24.01
C ARG D 60 22.31 10.16 22.85
N ALA D 61 22.90 9.02 23.20
CA ALA D 61 23.62 8.23 22.21
C ALA D 61 23.40 6.74 22.43
N ALA D 62 23.36 6.01 21.31
CA ALA D 62 23.54 4.56 21.27
C ALA D 62 24.69 4.24 20.33
N CYS D 63 25.46 3.20 20.66
CA CYS D 63 26.51 2.73 19.76
C CYS D 63 26.08 1.48 19.02
N SER D 64 26.67 1.31 17.84
CA SER D 64 26.35 0.18 17.00
C SER D 64 27.62 -0.27 16.31
N LEU D 65 27.65 -1.55 15.96
CA LEU D 65 28.76 -2.07 15.20
C LEU D 65 28.28 -3.25 14.39
N VAL D 66 29.18 -3.74 13.55
CA VAL D 66 29.10 -5.06 12.94
C VAL D 66 30.39 -5.77 13.31
N LEU D 67 30.29 -7.01 13.78
CA LEU D 67 31.48 -7.73 14.18
C LEU D 67 32.42 -7.89 12.97
N PRO D 68 33.71 -7.61 13.12
CA PRO D 68 34.67 -7.97 12.07
C PRO D 68 34.85 -9.48 12.02
N GLU D 69 35.26 -9.97 10.84
CA GLU D 69 35.30 -11.41 10.62
C GLU D 69 36.16 -12.18 11.62
N PRO D 70 37.31 -11.69 12.10
CA PRO D 70 38.03 -12.44 13.14
C PRO D 70 37.19 -12.69 14.39
N ALA D 71 36.15 -11.89 14.63
CA ALA D 71 35.36 -11.99 15.85
C ALA D 71 33.90 -12.43 15.60
N TRP D 72 33.63 -13.13 14.49
CA TRP D 72 32.27 -13.61 14.25
C TRP D 72 31.91 -14.68 15.29
N ALA D 73 30.86 -14.41 16.08
CA ALA D 73 30.49 -15.29 17.20
C ALA D 73 30.01 -16.66 16.73
N SER D 74 29.52 -16.78 15.50
CA SER D 74 29.18 -18.09 14.93
C SER D 74 30.29 -19.10 15.13
N VAL D 75 31.54 -18.69 14.89
CA VAL D 75 32.65 -19.63 14.75
C VAL D 75 33.73 -19.34 15.78
N ARG D 76 33.87 -18.08 16.20
CA ARG D 76 34.91 -17.68 17.15
C ARG D 76 34.29 -16.92 18.33
N PRO D 77 33.53 -17.60 19.18
CA PRO D 77 32.78 -16.89 20.24
C PRO D 77 33.63 -16.10 21.22
N GLU D 78 34.84 -16.56 21.56
CA GLU D 78 35.62 -15.81 22.55
C GLU D 78 36.20 -14.53 21.93
N ALA D 79 36.66 -14.60 20.69
CA ALA D 79 37.04 -13.38 19.99
C ALA D 79 35.89 -12.39 19.96
N ALA D 80 34.66 -12.89 19.77
CA ALA D 80 33.49 -12.01 19.76
C ALA D 80 33.31 -11.32 21.10
N VAL D 81 33.38 -12.08 22.19
CA VAL D 81 33.23 -11.52 23.53
C VAL D 81 34.26 -10.42 23.76
N ALA D 82 35.53 -10.70 23.40
CA ALA D 82 36.58 -9.70 23.55
C ALA D 82 36.26 -8.45 22.73
N HIS D 83 35.82 -8.63 21.49
CA HIS D 83 35.51 -7.47 20.67
C HIS D 83 34.31 -6.71 21.22
N LEU D 84 33.23 -7.44 21.52
CA LEU D 84 32.03 -6.80 22.07
C LEU D 84 32.34 -6.12 23.39
N ASN D 85 33.12 -6.77 24.26
CA ASN D 85 33.38 -6.17 25.57
C ASN D 85 34.19 -4.90 25.45
N ALA D 86 35.15 -4.86 24.51
CA ALA D 86 35.92 -3.64 24.29
C ALA D 86 35.05 -2.51 23.74
N ALA D 87 34.18 -2.82 22.76
CA ALA D 87 33.24 -1.80 22.26
C ALA D 87 32.31 -1.32 23.36
N LEU D 88 31.89 -2.24 24.24
CA LEU D 88 31.04 -1.86 25.36
C LEU D 88 31.76 -0.88 26.28
N ASP D 89 33.06 -1.10 26.49
CA ASP D 89 33.85 -0.19 27.32
C ASP D 89 33.86 1.21 26.73
N LYS D 90 34.08 1.30 25.41
CA LYS D 90 34.12 2.60 24.74
C LYS D 90 32.75 3.27 24.79
N ALA D 91 31.70 2.50 24.50
CA ALA D 91 30.33 3.03 24.58
C ALA D 91 30.03 3.54 25.96
N ALA D 92 30.40 2.78 26.99
CA ALA D 92 30.19 3.22 28.37
C ALA D 92 30.95 4.51 28.65
N GLU D 93 32.19 4.61 28.16
CA GLU D 93 33.01 5.79 28.40
C GLU D 93 32.37 7.04 27.81
N MET D 94 32.00 7.00 26.53
CA MET D 94 31.42 8.20 25.93
C MET D 94 29.99 8.44 26.38
N GLY D 95 29.46 7.58 27.24
CA GLY D 95 28.15 7.82 27.80
C GLY D 95 26.99 7.33 26.97
N ALA D 96 27.23 6.37 26.08
CA ALA D 96 26.13 5.74 25.35
C ALA D 96 25.28 4.90 26.29
N GLU D 97 24.00 4.72 25.92
CA GLU D 97 23.08 3.92 26.71
C GLU D 97 22.91 2.51 26.19
N ALA D 98 23.57 2.14 25.09
CA ALA D 98 23.32 0.84 24.50
C ALA D 98 24.33 0.57 23.38
N LEU D 99 24.59 -0.72 23.15
CA LEU D 99 25.35 -1.21 22.02
C LEU D 99 24.45 -2.15 21.23
N THR D 100 24.27 -1.88 19.95
CA THR D 100 23.35 -2.62 19.10
C THR D 100 23.96 -2.77 17.72
N GLY D 101 23.17 -3.28 16.78
CA GLY D 101 23.68 -3.61 15.46
C GLY D 101 23.80 -5.10 15.25
N VAL D 102 24.70 -5.47 14.34
CA VAL D 102 24.96 -6.86 14.05
C VAL D 102 26.05 -7.28 15.02
N THR D 103 25.65 -7.41 16.29
CA THR D 103 26.52 -7.68 17.43
C THR D 103 26.84 -9.15 17.58
N TYR D 104 26.40 -9.96 16.62
CA TYR D 104 26.46 -11.41 16.72
C TYR D 104 27.16 -12.02 15.50
N GLY D 105 27.55 -11.20 14.53
CA GLY D 105 28.18 -11.72 13.32
C GLY D 105 28.47 -10.58 12.37
N GLY D 106 28.63 -10.91 11.09
CA GLY D 106 28.94 -9.93 10.06
C GLY D 106 27.79 -9.67 9.10
N THR D 107 27.98 -8.62 8.27
CA THR D 107 27.05 -8.29 7.20
C THR D 107 27.51 -8.82 5.85
N SER D 108 28.57 -9.64 5.83
CA SER D 108 28.87 -10.44 4.65
C SER D 108 29.15 -11.88 5.07
N GLU D 109 28.47 -12.33 6.13
CA GLU D 109 28.73 -13.64 6.71
C GLU D 109 27.81 -14.68 6.10
N ARG D 110 28.39 -15.84 5.77
CA ARG D 110 27.62 -17.00 5.34
C ARG D 110 28.54 -18.20 5.39
N THR D 111 27.93 -19.38 5.42
CA THR D 111 28.61 -20.66 5.32
C THR D 111 28.19 -21.46 4.10
N GLY D 112 27.24 -20.98 3.32
CA GLY D 112 26.65 -21.76 2.25
C GLY D 112 25.56 -22.71 2.70
N PHE D 113 25.27 -22.76 3.99
CA PHE D 113 24.32 -23.68 4.60
C PHE D 113 23.44 -22.96 5.60
N PRO D 114 22.24 -23.51 5.87
CA PRO D 114 21.39 -22.91 6.89
C PRO D 114 22.06 -22.94 8.24
N PRO D 115 21.70 -22.01 9.14
CA PRO D 115 22.38 -21.94 10.45
C PRO D 115 22.15 -23.20 11.27
N THR D 116 23.21 -23.65 11.95
CA THR D 116 23.17 -24.87 12.74
C THR D 116 22.96 -24.57 14.22
N GLN D 117 22.63 -25.63 14.96
CA GLN D 117 22.43 -25.47 16.39
C GLN D 117 23.74 -25.12 17.09
N ALA D 118 24.84 -25.74 16.67
CA ALA D 118 26.13 -25.41 17.26
C ALA D 118 26.46 -23.93 17.06
N GLU D 119 26.14 -23.38 15.88
CA GLU D 119 26.36 -21.96 15.62
C GLU D 119 25.57 -21.09 16.60
N TYR D 120 24.29 -21.43 16.84
CA TYR D 120 23.49 -20.67 17.80
C TYR D 120 23.99 -20.83 19.22
N ASP D 121 24.56 -21.99 19.56
CA ASP D 121 25.20 -22.18 20.86
C ASP D 121 26.37 -21.22 21.04
N ASN D 122 27.24 -21.14 20.02
CA ASN D 122 28.32 -20.17 20.05
C ASN D 122 27.79 -18.76 20.20
N LEU D 123 26.75 -18.42 19.44
CA LEU D 123 26.13 -17.10 19.54
C LEU D 123 25.61 -16.85 20.95
N THR D 124 24.91 -17.83 21.52
CA THR D 124 24.32 -17.68 22.84
C THR D 124 25.40 -17.45 23.89
N ARG D 125 26.44 -18.30 23.86
CA ARG D 125 27.56 -18.19 24.80
C ARG D 125 28.20 -16.81 24.75
N ALA D 126 28.49 -16.30 23.55
CA ALA D 126 29.15 -15.00 23.42
C ALA D 126 28.24 -13.88 23.89
N LEU D 127 27.04 -13.78 23.31
CA LEU D 127 26.12 -12.71 23.67
C LEU D 127 25.74 -12.78 25.14
N SER D 128 25.62 -13.99 25.70
CA SER D 128 25.36 -14.08 27.13
C SER D 128 26.43 -13.34 27.94
N GLN D 129 27.70 -13.68 27.68
CA GLN D 129 28.79 -13.06 28.42
C GLN D 129 28.84 -11.56 28.19
N SER D 130 28.77 -11.14 26.91
CA SER D 130 28.91 -9.73 26.61
C SER D 130 27.71 -8.92 27.07
N ALA D 131 26.51 -9.52 27.04
CA ALA D 131 25.36 -8.82 27.61
C ALA D 131 25.51 -8.66 29.11
N GLY D 132 26.15 -9.62 29.78
CA GLY D 132 26.42 -9.46 31.20
C GLY D 132 27.37 -8.31 31.47
N HIS D 133 28.47 -8.24 30.71
CA HIS D 133 29.38 -7.11 30.80
C HIS D 133 28.64 -5.79 30.59
N ALA D 134 27.78 -5.75 29.56
CA ALA D 134 27.03 -4.53 29.30
C ALA D 134 26.13 -4.17 30.47
N LYS D 135 25.57 -5.20 31.12
CA LYS D 135 24.70 -4.97 32.27
C LYS D 135 25.48 -4.33 33.43
N THR D 136 26.69 -4.81 33.69
CA THR D 136 27.54 -4.17 34.70
C THR D 136 27.77 -2.69 34.38
N LEU D 137 27.94 -2.36 33.10
CA LEU D 137 28.20 -0.97 32.72
C LEU D 137 26.93 -0.13 32.60
N GLY D 138 25.76 -0.68 32.92
CA GLY D 138 24.54 0.09 32.79
C GLY D 138 24.02 0.23 31.38
N LEU D 139 24.52 -0.57 30.44
CA LEU D 139 24.19 -0.47 29.04
C LEU D 139 23.25 -1.60 28.63
N GLN D 140 22.29 -1.27 27.77
CA GLN D 140 21.48 -2.31 27.14
C GLN D 140 22.21 -2.84 25.90
N PHE D 141 21.87 -4.07 25.52
CA PHE D 141 22.53 -4.80 24.46
C PHE D 141 21.52 -5.17 23.36
N GLY D 142 21.82 -4.80 22.11
CA GLY D 142 20.88 -4.94 21.02
C GLY D 142 21.34 -5.94 19.97
N ILE D 143 20.37 -6.63 19.37
CA ILE D 143 20.59 -7.61 18.31
C ILE D 143 19.71 -7.19 17.13
N GLU D 144 20.34 -6.81 16.01
CA GLU D 144 19.61 -6.33 14.84
C GLU D 144 19.53 -7.43 13.79
N ALA D 145 18.31 -7.75 13.34
CA ALA D 145 18.15 -8.72 12.27
C ALA D 145 18.40 -8.08 10.90
N VAL D 146 19.08 -8.84 10.03
CA VAL D 146 19.48 -8.38 8.70
C VAL D 146 19.04 -9.43 7.67
N ASN D 147 19.06 -9.03 6.39
CA ASN D 147 18.49 -9.89 5.36
C ASN D 147 19.42 -11.08 5.06
N ARG D 148 18.87 -12.05 4.31
CA ARG D 148 19.54 -13.32 4.04
C ARG D 148 20.86 -13.16 3.29
N TYR D 149 21.08 -12.04 2.61
CA TYR D 149 22.33 -11.86 1.86
C TYR D 149 23.48 -11.36 2.73
N GLU D 150 23.18 -10.83 3.92
CA GLU D 150 24.23 -10.30 4.78
C GLU D 150 24.70 -11.30 5.84
N ASN D 151 23.84 -12.26 6.18
CA ASN D 151 24.02 -13.09 7.36
C ASN D 151 23.00 -14.21 7.28
N HIS D 152 23.40 -15.41 7.67
CA HIS D 152 22.52 -16.57 7.61
C HIS D 152 21.92 -16.93 8.97
N LEU D 153 22.14 -16.13 10.00
CA LEU D 153 21.81 -16.53 11.36
C LEU D 153 20.56 -15.85 11.92
N VAL D 154 20.45 -14.54 11.76
CA VAL D 154 19.36 -13.78 12.37
C VAL D 154 18.77 -12.91 11.26
N ASN D 155 17.71 -13.39 10.61
CA ASN D 155 17.07 -12.67 9.51
C ASN D 155 15.68 -12.15 9.84
N SER D 156 14.84 -12.97 10.47
CA SER D 156 13.48 -12.60 10.80
C SER D 156 13.38 -12.12 12.25
N ALA D 157 12.38 -11.29 12.53
CA ALA D 157 12.09 -10.95 13.92
C ALA D 157 11.94 -12.21 14.76
N GLU D 158 11.27 -13.24 14.23
CA GLU D 158 11.08 -14.46 15.02
C GLU D 158 12.40 -15.05 15.44
N GLN D 159 13.39 -15.09 14.53
CA GLN D 159 14.70 -15.62 14.89
C GLN D 159 15.35 -14.75 15.95
N ALA D 160 15.28 -13.44 15.81
CA ALA D 160 15.86 -12.56 16.82
C ALA D 160 15.23 -12.79 18.19
N VAL D 161 13.89 -12.95 18.22
CA VAL D 161 13.19 -13.16 19.48
C VAL D 161 13.65 -14.47 20.13
N ALA D 162 13.71 -15.54 19.35
CA ALA D 162 14.05 -16.83 19.92
C ALA D 162 15.47 -16.83 20.47
N LEU D 163 16.38 -16.07 19.84
CA LEU D 163 17.73 -15.97 20.35
C LEU D 163 17.76 -15.20 21.66
N VAL D 164 17.06 -14.06 21.71
CA VAL D 164 17.00 -13.27 22.93
C VAL D 164 16.45 -14.11 24.08
N GLU D 165 15.47 -14.97 23.76
CA GLU D 165 14.86 -15.82 24.79
C GLU D 165 15.83 -16.89 25.27
N ARG D 166 16.58 -17.50 24.35
CA ARG D 166 17.62 -18.46 24.70
C ARG D 166 18.58 -17.87 25.72
N ILE D 167 19.08 -16.67 25.43
CA ILE D 167 20.11 -16.07 26.27
C ILE D 167 19.54 -15.71 27.63
N GLY D 168 18.27 -15.35 27.68
CA GLY D 168 17.61 -15.10 28.95
C GLY D 168 18.12 -13.91 29.71
N ALA D 169 18.79 -12.96 29.05
CA ALA D 169 19.20 -11.78 29.76
C ALA D 169 18.03 -10.80 29.85
N ASP D 170 18.16 -9.81 30.72
CA ASP D 170 17.11 -8.83 30.90
C ASP D 170 17.40 -7.51 30.20
N ASN D 171 18.63 -7.29 29.76
CA ASN D 171 19.05 -6.05 29.10
C ASN D 171 19.31 -6.24 27.61
N ILE D 172 18.87 -7.36 27.02
CA ILE D 172 18.96 -7.57 25.58
C ILE D 172 17.64 -7.20 24.95
N PHE D 173 17.69 -6.45 23.86
CA PHE D 173 16.48 -6.06 23.14
C PHE D 173 16.63 -6.41 21.66
N VAL D 174 15.48 -6.55 20.98
CA VAL D 174 15.46 -6.78 19.54
C VAL D 174 15.52 -5.43 18.83
N HIS D 175 16.31 -5.41 17.78
CA HIS D 175 16.50 -4.24 16.94
C HIS D 175 16.08 -4.66 15.53
N LEU D 176 15.13 -3.94 14.94
CA LEU D 176 14.70 -4.31 13.59
C LEU D 176 14.97 -3.16 12.64
N ASP D 177 15.06 -3.50 11.35
CA ASP D 177 15.40 -2.55 10.29
C ASP D 177 14.40 -2.76 9.15
N THR D 178 13.64 -1.71 8.81
CA THR D 178 12.64 -1.83 7.76
C THR D 178 13.24 -2.21 6.40
N PHE D 179 14.49 -1.83 6.14
CA PHE D 179 15.12 -2.26 4.89
C PHE D 179 15.24 -3.77 4.82
N HIS D 180 15.70 -4.40 5.91
CA HIS D 180 15.84 -5.85 5.93
C HIS D 180 14.50 -6.55 6.09
N MET D 181 13.59 -5.97 6.88
CA MET D 181 12.26 -6.53 7.07
C MET D 181 11.46 -6.54 5.76
N ASN D 182 11.65 -5.51 4.93
CA ASN D 182 10.95 -5.44 3.65
C ASN D 182 11.17 -6.70 2.83
N MET D 183 12.29 -7.38 3.05
CA MET D 183 12.59 -8.68 2.45
C MET D 183 12.22 -9.86 3.36
N GLU D 184 12.59 -9.78 4.65
CA GLU D 184 12.57 -10.96 5.51
C GLU D 184 11.20 -11.28 6.12
N GLU D 185 10.32 -10.29 6.29
CA GLU D 185 9.06 -10.49 7.01
C GLU D 185 7.91 -10.71 6.04
N LYS D 186 7.11 -11.75 6.30
CA LYS D 186 5.95 -12.06 5.44
C LYS D 186 4.81 -11.09 5.77
N GLY D 187 4.94 -9.87 5.26
CA GLY D 187 4.15 -8.76 5.77
C GLY D 187 4.96 -8.04 6.82
N ILE D 188 5.48 -6.85 6.50
CA ILE D 188 6.47 -6.20 7.37
C ILE D 188 5.95 -6.08 8.81
N ALA D 189 4.66 -5.76 8.98
CA ALA D 189 4.11 -5.63 10.33
C ALA D 189 4.24 -6.92 11.14
N ASN D 190 4.25 -8.08 10.50
CA ASN D 190 4.41 -9.31 11.27
C ASN D 190 5.73 -9.35 12.04
N GLY D 191 6.74 -8.58 11.63
CA GLY D 191 8.01 -8.66 12.32
C GLY D 191 7.92 -7.90 13.63
N ILE D 192 7.35 -6.70 13.53
CA ILE D 192 7.08 -5.86 14.69
C ILE D 192 6.21 -6.60 15.68
N ILE D 193 5.15 -7.26 15.19
CA ILE D 193 4.25 -7.99 16.09
C ILE D 193 5.00 -9.12 16.79
N ALA D 194 5.81 -9.88 16.04
CA ALA D 194 6.54 -11.00 16.62
C ALA D 194 7.48 -10.54 17.74
N ALA D 195 8.06 -9.35 17.61
CA ALA D 195 9.05 -8.86 18.56
C ALA D 195 8.43 -8.01 19.68
N HIS D 196 7.10 -8.00 19.81
CA HIS D 196 6.41 -7.01 20.65
C HIS D 196 6.91 -7.00 22.09
N ASP D 197 7.40 -8.13 22.60
CA ASP D 197 7.91 -8.15 23.97
C ASP D 197 9.35 -7.66 24.11
N TYR D 198 10.08 -7.48 23.01
CA TYR D 198 11.51 -7.20 23.05
C TYR D 198 11.94 -6.03 22.17
N LEU D 199 11.06 -5.52 21.32
CA LEU D 199 11.44 -4.51 20.35
C LEU D 199 11.69 -3.20 21.06
N LYS D 200 12.93 -2.75 21.09
CA LYS D 200 13.20 -1.46 21.69
C LYS D 200 13.91 -0.50 20.74
N TYR D 201 14.11 -0.88 19.49
CA TYR D 201 14.95 -0.06 18.62
C TYR D 201 14.59 -0.36 17.17
N MET D 202 14.38 0.69 16.39
CA MET D 202 14.11 0.55 14.96
C MET D 202 15.14 1.31 14.14
N HIS D 203 15.62 0.67 13.08
CA HIS D 203 16.17 1.40 11.94
C HIS D 203 15.03 1.65 10.97
N MET D 204 14.68 2.92 10.77
CA MET D 204 13.64 3.31 9.83
C MET D 204 14.37 3.65 8.53
N SER D 205 14.38 2.70 7.61
CA SER D 205 15.21 2.76 6.43
C SER D 205 14.38 2.41 5.22
N GLU D 206 14.47 3.24 4.19
CA GLU D 206 13.68 2.98 2.99
C GLU D 206 14.20 1.72 2.28
N SER D 207 13.38 1.23 1.35
CA SER D 207 13.64 -0.06 0.73
C SER D 207 14.90 -0.06 -0.13
N ASP D 208 15.35 1.12 -0.58
CA ASP D 208 16.57 1.24 -1.38
C ASP D 208 17.68 1.94 -0.63
N ARG D 209 17.55 2.09 0.70
CA ARG D 209 18.44 2.83 1.59
C ARG D 209 18.40 4.35 1.33
N GLY D 210 17.40 4.84 0.60
CA GLY D 210 17.29 6.24 0.29
C GLY D 210 16.59 7.08 1.36
N THR D 211 15.38 7.55 1.05
CA THR D 211 14.61 8.48 1.85
C THR D 211 13.33 7.81 2.32
N PRO D 212 13.10 7.64 3.62
CA PRO D 212 11.79 7.15 4.10
C PRO D 212 10.66 7.99 3.53
N GLY D 213 9.63 7.30 3.03
CA GLY D 213 8.55 7.92 2.29
C GLY D 213 8.66 7.83 0.77
N PHE D 214 9.81 7.39 0.23
CA PHE D 214 10.03 7.41 -1.22
C PHE D 214 10.66 6.09 -1.66
N GLY D 215 9.91 5.01 -1.46
CA GLY D 215 10.37 3.66 -1.77
C GLY D 215 9.24 2.68 -1.56
N ASN D 216 9.57 1.45 -1.14
CA ASN D 216 8.57 0.39 -1.13
C ASN D 216 8.26 -0.13 0.27
N VAL D 217 8.81 0.49 1.31
CA VAL D 217 8.43 0.12 2.66
C VAL D 217 7.00 0.60 2.90
N ALA D 218 6.16 -0.30 3.42
CA ALA D 218 4.77 0.04 3.72
C ALA D 218 4.72 0.68 5.11
N TRP D 219 4.97 1.98 5.14
CA TRP D 219 5.14 2.67 6.42
C TRP D 219 3.87 2.68 7.26
N ASP D 220 2.70 2.69 6.62
CA ASP D 220 1.45 2.63 7.39
C ASP D 220 1.37 1.33 8.18
N ALA D 221 1.76 0.19 7.57
CA ALA D 221 1.77 -1.06 8.32
C ALA D 221 2.84 -1.05 9.41
N VAL D 222 4.01 -0.47 9.12
CA VAL D 222 5.07 -0.36 10.14
C VAL D 222 4.59 0.43 11.34
N PHE D 223 4.06 1.64 11.08
CA PHE D 223 3.71 2.52 12.18
C PHE D 223 2.48 2.02 12.93
N ALA D 224 1.53 1.40 12.21
CA ALA D 224 0.36 0.83 12.88
C ALA D 224 0.78 -0.26 13.86
N ALA D 225 1.65 -1.17 13.41
CA ALA D 225 2.12 -2.23 14.30
C ALA D 225 2.88 -1.66 15.50
N LEU D 226 3.74 -0.66 15.26
CA LEU D 226 4.45 -0.03 16.38
C LEU D 226 3.45 0.57 17.38
N ALA D 227 2.47 1.32 16.90
CA ALA D 227 1.47 1.90 17.81
C ALA D 227 0.70 0.81 18.52
N ALA D 228 0.24 -0.20 17.78
CA ALA D 228 -0.67 -1.17 18.37
C ALA D 228 0.02 -1.98 19.47
N ILE D 229 1.30 -2.30 19.28
CA ILE D 229 2.04 -3.02 20.33
C ILE D 229 2.53 -2.09 21.44
N GLY D 230 2.25 -0.80 21.36
CA GLY D 230 2.71 0.15 22.37
C GLY D 230 4.20 0.40 22.39
N PHE D 231 4.84 0.48 21.22
CA PHE D 231 6.29 0.63 21.13
C PHE D 231 6.77 1.86 21.89
N LYS D 232 7.86 1.70 22.65
CA LYS D 232 8.39 2.81 23.42
C LYS D 232 9.88 3.04 23.21
N GLY D 233 10.49 2.46 22.18
CA GLY D 233 11.91 2.65 22.00
C GLY D 233 12.28 3.80 21.08
N VAL D 234 13.33 3.60 20.30
CA VAL D 234 13.90 4.65 19.47
C VAL D 234 13.65 4.34 18.00
N LEU D 235 13.23 5.37 17.26
CA LEU D 235 13.07 5.30 15.81
C LEU D 235 14.24 6.04 15.18
N THR D 236 15.22 5.30 14.65
CA THR D 236 16.46 5.89 14.15
C THR D 236 16.52 5.79 12.63
N LEU D 237 16.68 6.93 11.96
CA LEU D 237 16.85 6.96 10.52
C LEU D 237 18.17 6.29 10.10
N GLU D 238 18.09 5.29 9.22
CA GLU D 238 19.26 4.74 8.53
C GLU D 238 19.13 5.01 7.03
N SER D 239 20.10 5.72 6.46
CA SER D 239 20.16 5.98 5.03
C SER D 239 21.62 6.05 4.61
N PHE D 240 21.90 5.63 3.38
CA PHE D 240 23.25 5.56 2.83
C PHE D 240 23.58 6.77 1.95
N ALA D 241 22.78 7.82 2.03
CA ALA D 241 22.92 8.96 1.11
C ALA D 241 24.25 9.68 1.25
N ALA D 242 24.96 9.51 2.38
CA ALA D 242 26.23 10.19 2.60
C ALA D 242 27.41 9.24 2.48
N MET D 243 27.19 7.97 2.19
CA MET D 243 28.29 7.02 2.11
C MET D 243 29.18 7.38 0.93
N PRO D 244 30.50 7.44 1.13
CA PRO D 244 31.39 7.69 -0.02
C PRO D 244 31.50 6.45 -0.90
N GLU D 245 31.91 6.71 -2.15
CA GLU D 245 32.13 5.62 -3.11
C GLU D 245 33.03 4.53 -2.54
N GLU D 246 33.95 4.88 -1.64
CA GLU D 246 34.89 3.92 -1.15
C GLU D 246 34.28 2.90 -0.18
N MET D 247 33.06 3.18 0.32
CA MET D 247 32.32 2.24 1.15
C MET D 247 31.48 1.23 0.35
N ALA D 248 31.48 1.33 -0.98
CA ALA D 248 30.55 0.55 -1.82
C ALA D 248 30.58 -0.93 -1.47
N GLY D 249 31.76 -1.52 -1.46
CA GLY D 249 31.85 -2.96 -1.21
C GLY D 249 31.39 -3.35 0.19
N ALA D 250 31.69 -2.51 1.19
CA ALA D 250 31.31 -2.86 2.55
C ALA D 250 29.78 -2.83 2.75
N ILE D 251 29.03 -2.18 1.88
CA ILE D 251 27.59 -2.06 2.07
C ILE D 251 26.81 -2.51 0.84
N SER D 252 27.50 -3.21 -0.08
CA SER D 252 26.93 -3.65 -1.35
C SER D 252 26.06 -2.57 -1.99
N THR D 253 26.56 -1.34 -2.00
CA THR D 253 25.84 -0.21 -2.58
C THR D 253 26.64 0.31 -3.77
N TRP D 254 26.10 0.09 -4.96
CA TRP D 254 26.83 0.28 -6.20
C TRP D 254 26.42 1.55 -6.94
N ARG D 255 25.33 2.20 -6.54
CA ARG D 255 24.88 3.40 -7.23
C ARG D 255 24.22 4.31 -6.21
N PRO D 256 23.92 5.56 -6.57
CA PRO D 256 23.32 6.49 -5.60
C PRO D 256 22.00 5.97 -5.06
N VAL D 257 21.74 6.30 -3.80
CA VAL D 257 20.48 5.98 -3.15
C VAL D 257 19.58 7.19 -3.03
N ALA D 258 20.11 8.40 -3.23
CA ALA D 258 19.34 9.63 -3.09
C ALA D 258 20.17 10.79 -3.63
N SER D 259 19.69 12.02 -3.41
CA SER D 259 20.34 13.22 -3.89
C SER D 259 20.96 13.99 -2.72
N GLY D 260 21.81 13.33 -1.96
CA GLY D 260 22.53 14.02 -0.92
C GLY D 260 21.88 13.89 0.43
N ALA D 261 22.71 13.95 1.47
CA ALA D 261 22.28 13.70 2.84
C ALA D 261 21.32 14.78 3.35
N ASP D 262 21.56 16.04 2.98
CA ASP D 262 20.72 17.13 3.50
C ASP D 262 19.25 16.90 3.15
N GLU D 263 18.97 16.45 1.93
CA GLU D 263 17.59 16.20 1.55
C GLU D 263 16.99 15.06 2.35
N VAL D 264 17.75 13.97 2.51
CA VAL D 264 17.31 12.84 3.33
C VAL D 264 17.06 13.28 4.77
N LEU D 265 17.95 14.10 5.34
CA LEU D 265 17.74 14.56 6.70
C LEU D 265 16.49 15.44 6.78
N ASP D 266 16.32 16.34 5.80
CA ASP D 266 15.15 17.22 5.77
C ASP D 266 13.86 16.40 5.65
N LYS D 267 13.70 15.67 4.55
CA LYS D 267 12.44 15.01 4.25
C LYS D 267 12.25 13.71 5.04
N GLY D 268 13.33 12.95 5.26
CA GLY D 268 13.20 11.68 5.96
C GLY D 268 12.95 11.82 7.44
N LEU D 269 13.66 12.74 8.11
CA LEU D 269 13.43 12.91 9.53
C LEU D 269 12.05 13.52 9.80
N ALA D 270 11.60 14.42 8.93
CA ALA D 270 10.26 14.98 9.06
C ALA D 270 9.20 13.91 8.83
N PHE D 271 9.42 13.03 7.84
CA PHE D 271 8.46 11.98 7.52
C PHE D 271 8.25 11.05 8.71
N LEU D 272 9.35 10.65 9.37
CA LEU D 272 9.24 9.77 10.52
C LEU D 272 8.51 10.44 11.66
N ARG D 273 8.79 11.73 11.90
CA ARG D 273 8.08 12.48 12.91
C ARG D 273 6.62 12.65 12.56
N ASP D 274 6.32 12.96 11.29
CA ASP D 274 4.93 13.17 10.90
C ASP D 274 4.12 11.87 11.00
N LYS D 275 4.71 10.76 10.59
CA LYS D 275 4.02 9.47 10.67
C LYS D 275 3.87 9.02 12.11
N ALA D 276 4.91 9.21 12.94
CA ALA D 276 4.78 8.87 14.35
C ALA D 276 3.65 9.65 14.99
N SER D 277 3.46 10.90 14.57
CA SER D 277 2.35 11.71 15.10
C SER D 277 1.03 11.16 14.60
N GLN D 278 0.93 10.87 13.30
CA GLN D 278 -0.30 10.31 12.75
C GLN D 278 -0.75 9.07 13.54
N TYR D 279 0.19 8.22 13.93
CA TYR D 279 -0.16 7.01 14.67
C TYR D 279 0.09 7.13 16.17
N ARG D 280 0.36 8.35 16.67
CA ARG D 280 0.45 8.65 18.11
C ARG D 280 1.51 7.80 18.82
N ILE D 281 2.64 7.56 18.15
CA ILE D 281 3.68 6.67 18.66
C ILE D 281 4.16 7.14 20.03
N PHE D 282 4.38 8.43 20.18
CA PHE D 282 4.94 8.96 21.41
C PHE D 282 4.00 9.92 22.14
N GLY D 283 2.86 10.28 21.58
CA GLY D 283 2.02 11.31 22.15
C GLY D 283 2.59 12.70 21.91
C1 PSJ E . -24.22 0.33 5.63
O1 PSJ E . -23.57 1.55 5.85
C2 PSJ E . -23.47 -0.85 6.37
O2 PSJ E . -22.28 -1.05 6.19
C3 PSJ E . -24.26 -1.74 7.34
O3 PSJ E . -23.32 -2.48 8.08
C4 PSJ E . -25.13 -2.75 6.64
O4 PSJ E . -25.48 -2.31 5.34
C5 PSJ E . -26.34 -2.98 7.57
O5 PSJ E . -26.00 -2.47 8.80
C6 PSJ E . -26.68 -4.50 7.72
O6 PSJ E . -27.93 -4.77 8.41
MG MG F . -21.17 -2.45 7.24
C1 PSJ G . -16.74 17.84 -4.44
O1 PSJ G . -17.19 16.52 -4.56
C2 PSJ G . -15.47 17.98 -5.33
O2 PSJ G . -14.45 17.34 -5.09
C3 PSJ G . -15.48 18.89 -6.57
O3 PSJ G . -14.14 19.06 -6.98
C4 PSJ G . -16.11 20.20 -6.23
O4 PSJ G . -16.14 20.99 -7.42
C5 PSJ G . -15.31 20.94 -5.14
O5 PSJ G . -16.15 21.44 -4.17
C6 PSJ G . -14.49 22.09 -5.81
O6 PSJ G . -15.29 22.95 -6.65
MG MG H . -12.90 17.43 -6.38
C1 PSJ I . 17.78 -14.90 -9.34
O1 PSJ I . 17.94 -13.76 -8.54
C2 PSJ I . 16.53 -14.68 -10.26
O2 PSJ I . 15.55 -14.08 -9.87
C3 PSJ I . 16.55 -15.22 -11.69
O3 PSJ I . 15.23 -15.34 -12.14
C4 PSJ I . 17.29 -16.54 -11.77
O4 PSJ I . 17.96 -16.59 -13.02
C5 PSJ I . 16.35 -17.77 -11.74
O5 PSJ I . 17.01 -18.82 -11.10
C6 PSJ I . 15.99 -18.13 -13.21
O6 PSJ I . 16.56 -19.35 -13.70
MG MG J . 13.89 -13.73 -11.13
C1 PSJ K . 23.51 -3.72 8.37
O1 PSJ K . 22.83 -4.22 7.26
C2 PSJ K . 22.69 -2.63 9.13
O2 PSJ K . 21.69 -2.15 8.66
C3 PSJ K . 23.17 -2.20 10.55
O3 PSJ K . 22.24 -1.29 11.03
C4 PSJ K . 24.56 -1.62 10.63
O4 PSJ K . 24.84 -1.23 11.97
C5 PSJ K . 24.75 -0.38 9.70
O5 PSJ K . 24.84 -0.78 8.39
C6 PSJ K . 26.08 0.36 10.06
O6 PSJ K . 27.14 -0.58 10.28
MG MG L . 20.21 -1.38 10.14
#